data_7NU3
#
_entry.id   7NU3
#
_cell.length_a   48.878
_cell.length_b   82.214
_cell.length_c   227.207
_cell.angle_alpha   90.000
_cell.angle_beta   90.000
_cell.angle_gamma   90.000
#
_symmetry.space_group_name_H-M   'P 21 21 21'
#
loop_
_entity.id
_entity.type
_entity.pdbx_description
1 polymer 'Leucine--tRNA ligase'
2 non-polymer 1,2-ETHANEDIOL
3 non-polymer 2-AMINO-4-METHYL-PENTAN-1-OL
4 non-polymer "ADENOSINE-5'-TRIPHOSPHATE"
5 non-polymer 'ZINC ION'
6 non-polymer 'MAGNESIUM ION'
7 water water
#
_entity_poly.entity_id   1
_entity_poly.type   'polypeptide(L)'
_entity_poly.pdbx_seq_one_letter_code
;GMQEHYQPAAIEPAAQKKWDDARISNVSEDASKPKYYCLSMFPYPSGKLHMGHVRNYTIGDVLSRFKLLNGFNVMQPMGW
DAFGMPAENAAMKNNVAPAAWTYDNIEYMKTQLKSLGFAVDWEREVATCKPEYYRWEQWLFTKLFEKGIVYRKNGTVNWD
PVDQTVLANGQVIDGRGWRSGALIEKREIPMYYFKITDYAEELLNDLDKLEHWPEQVKTMQRNWIGKSRGMTVRFAVSDD
SKQGLEGDYAKFLQVYTTRPDTLMGATYVAVAAEHPLATAAAADKPELQAFIAECKAGSVAEADMATMEKKGVPTGRYVV
NPLNGDKLEVWIANYVLWGYGDGAVMAVPAHDERDFEFAAKYNLPKKQVIAVGDNAFDANRWQEWYGDKENGVLVNSGDL
DGLDFQTAFDAVAAKLQSQGAGEPKTQYRLRDWGISRQRYWGCPIPIVHCEKCGNVPVPADQLPVVLPENVVPDGMGSPL
AKMPEFYETSCPCCGGAAKRETDTMDTFIESSWYFFRYMSPKFSDGMVSAESAKYWGAVDQYIGGIEHAILHLLYARFFT
KLMRDEGLVNVDEPFERLLTQGMVVCETYYRENDKGGKDWINPADVELTFDDKGRPVSAVLKADGLPVVISGTEKMSKSK
NNGVDPQELINAYGADTARLFMMFAAPPEQSLEWSDSGVEGAHRFLRRLWRTVYEYLKQGGAVKAFAGNQDGLSKELKDL
RHKLHSTTAKVSDDYGRRQQFNTAIAAVMELLNQYDKTDTGSEQGRAVAQEVLEAAVRLLWPIVPHICETLWSELNGAKL
WEAGWPTVDEAALVKSEIEVMVQVNGKLRGKITVAADASKADLEAAALANEGAVKFMEGKPAKKIIVVPGRLVNIVV
;
_entity_poly.pdbx_strand_id   A
#
loop_
_chem_comp.id
_chem_comp.type
_chem_comp.name
_chem_comp.formula
ATP non-polymer ADENOSINE-5'-TRIPHOSPHATE 'C10 H16 N5 O13 P3'
DCL peptide-like 2-AMINO-4-METHYL-PENTAN-1-OL 'C6 H15 N O'
EDO non-polymer 1,2-ETHANEDIOL 'C2 H6 O2'
MG non-polymer 'MAGNESIUM ION' 'Mg 2'
ZN non-polymer 'ZINC ION' 'Zn 2'
#
# COMPACT_ATOMS: atom_id res chain seq x y z
N MET A 2 -40.59 -10.15 -19.58
CA MET A 2 -39.68 -9.17 -19.01
C MET A 2 -40.36 -7.82 -18.76
N GLN A 3 -40.18 -7.26 -17.56
CA GLN A 3 -40.71 -5.94 -17.25
C GLN A 3 -40.02 -4.86 -18.08
N GLU A 4 -40.80 -3.83 -18.41
CA GLU A 4 -40.31 -2.80 -19.32
C GLU A 4 -39.27 -1.90 -18.66
N HIS A 5 -39.48 -1.55 -17.39
CA HIS A 5 -38.67 -0.54 -16.73
C HIS A 5 -37.71 -1.16 -15.72
N TYR A 6 -36.55 -0.53 -15.58
CA TYR A 6 -35.51 -0.95 -14.65
C TYR A 6 -35.96 -0.70 -13.22
N GLN A 7 -36.00 -1.77 -12.40
CA GLN A 7 -36.42 -1.70 -10.99
C GLN A 7 -35.31 -2.21 -10.07
N PRO A 8 -34.27 -1.41 -9.83
CA PRO A 8 -33.17 -1.90 -9.00
C PRO A 8 -33.61 -2.36 -7.63
N ALA A 9 -34.55 -1.66 -6.98
CA ALA A 9 -34.96 -2.06 -5.63
C ALA A 9 -35.57 -3.45 -5.60
N ALA A 10 -36.18 -3.90 -6.70
CA ALA A 10 -36.74 -5.24 -6.79
C ALA A 10 -35.72 -6.28 -7.26
N ILE A 11 -34.96 -6.01 -8.32
CA ILE A 11 -34.11 -7.06 -8.88
C ILE A 11 -32.82 -7.27 -8.08
N GLU A 12 -32.33 -6.27 -7.35
CA GLU A 12 -31.05 -6.46 -6.67
C GLU A 12 -31.14 -7.43 -5.51
N PRO A 13 -32.12 -7.34 -4.60
CA PRO A 13 -32.28 -8.43 -3.62
C PRO A 13 -32.49 -9.79 -4.27
N ALA A 14 -33.30 -9.86 -5.33
CA ALA A 14 -33.53 -11.14 -6.00
C ALA A 14 -32.25 -11.73 -6.55
N ALA A 15 -31.42 -10.92 -7.20
CA ALA A 15 -30.14 -11.41 -7.70
C ALA A 15 -29.22 -11.85 -6.55
N GLN A 16 -29.25 -11.14 -5.42
CA GLN A 16 -28.39 -11.56 -4.31
C GLN A 16 -28.82 -12.90 -3.76
N LYS A 17 -30.14 -13.15 -3.66
CA LYS A 17 -30.60 -14.45 -3.16
C LYS A 17 -30.18 -15.57 -4.09
N LYS A 18 -30.31 -15.35 -5.40
CA LYS A 18 -29.83 -16.32 -6.39
C LYS A 18 -28.36 -16.64 -6.18
N TRP A 19 -27.51 -15.62 -6.02
CA TRP A 19 -26.09 -15.90 -5.82
C TRP A 19 -25.85 -16.65 -4.50
N ASP A 20 -26.55 -16.24 -3.44
CA ASP A 20 -26.36 -16.90 -2.15
C ASP A 20 -26.81 -18.35 -2.18
N ASP A 21 -27.97 -18.63 -2.80
CA ASP A 21 -28.47 -20.00 -2.86
C ASP A 21 -27.58 -20.87 -3.71
N ALA A 22 -26.95 -20.30 -4.73
CA ALA A 22 -26.01 -21.03 -5.54
C ALA A 22 -24.63 -21.18 -4.88
N ARG A 23 -24.36 -20.46 -3.78
CA ARG A 23 -23.08 -20.55 -3.07
C ARG A 23 -21.89 -20.30 -3.99
N ILE A 24 -22.07 -19.41 -4.97
CA ILE A 24 -21.00 -19.11 -5.91
C ILE A 24 -19.76 -18.57 -5.21
N SER A 25 -19.95 -17.82 -4.11
CA SER A 25 -18.83 -17.21 -3.42
C SER A 25 -18.38 -18.01 -2.20
N ASN A 26 -19.06 -19.09 -1.87
CA ASN A 26 -18.64 -19.96 -0.77
C ASN A 26 -17.71 -21.00 -1.35
N VAL A 27 -16.41 -20.78 -1.21
CA VAL A 27 -15.43 -21.61 -1.88
C VAL A 27 -14.68 -22.46 -0.88
N SER A 28 -14.14 -23.56 -1.37
CA SER A 28 -13.29 -24.47 -0.62
C SER A 28 -11.95 -24.60 -1.31
N GLU A 29 -11.07 -25.42 -0.73
CA GLU A 29 -9.76 -25.73 -1.32
C GLU A 29 -9.94 -26.71 -2.47
N ASP A 30 -10.52 -26.19 -3.57
CA ASP A 30 -10.91 -26.99 -4.73
C ASP A 30 -9.70 -27.19 -5.65
N ALA A 31 -9.04 -28.35 -5.54
CA ALA A 31 -7.93 -28.67 -6.42
C ALA A 31 -8.34 -28.79 -7.88
N SER A 32 -9.63 -28.88 -8.17
CA SER A 32 -10.12 -28.99 -9.54
C SER A 32 -10.31 -27.63 -10.21
N LYS A 33 -9.90 -26.55 -9.57
CA LYS A 33 -9.98 -25.22 -10.16
C LYS A 33 -8.76 -24.40 -9.75
N PRO A 34 -8.31 -23.50 -10.62
CA PRO A 34 -7.18 -22.64 -10.25
C PRO A 34 -7.63 -21.60 -9.23
N LYS A 35 -6.83 -21.45 -8.18
CA LYS A 35 -7.20 -20.56 -7.10
C LYS A 35 -6.91 -19.11 -7.47
N TYR A 36 -7.63 -18.20 -6.83
CA TYR A 36 -7.33 -16.77 -6.95
C TYR A 36 -7.81 -16.11 -5.66
N TYR A 37 -6.90 -15.45 -4.98
CA TYR A 37 -7.17 -14.85 -3.67
C TYR A 37 -7.13 -13.35 -3.89
N CYS A 38 -8.31 -12.72 -3.85
CA CYS A 38 -8.44 -11.28 -4.03
C CYS A 38 -8.87 -10.67 -2.70
N LEU A 39 -8.04 -9.79 -2.14
CA LEU A 39 -8.25 -9.25 -0.80
C LEU A 39 -8.35 -7.74 -0.81
N SER A 40 -9.41 -7.23 -0.19
CA SER A 40 -9.53 -5.82 0.12
C SER A 40 -9.26 -5.63 1.62
N MET A 41 -8.57 -4.54 1.94
CA MET A 41 -8.22 -4.23 3.33
C MET A 41 -9.48 -4.17 4.18
N PHE A 42 -9.56 -5.05 5.18
CA PHE A 42 -10.77 -5.09 5.99
C PHE A 42 -10.89 -3.81 6.85
N PRO A 43 -12.12 -3.38 7.12
CA PRO A 43 -12.32 -2.07 7.74
C PRO A 43 -12.44 -2.13 9.26
N TYR A 44 -12.14 -0.99 9.87
CA TYR A 44 -12.51 -0.74 11.26
C TYR A 44 -14.03 -0.65 11.38
N PRO A 45 -14.67 -1.41 12.26
CA PRO A 45 -16.13 -1.29 12.43
C PRO A 45 -16.52 -0.06 13.21
N SER A 46 -16.37 1.11 12.58
CA SER A 46 -16.65 2.38 13.23
C SER A 46 -18.14 2.71 13.32
N GLY A 47 -19.01 1.99 12.59
CA GLY A 47 -20.43 2.24 12.64
C GLY A 47 -21.12 2.12 11.30
N LYS A 48 -20.66 2.89 10.32
CA LYS A 48 -21.24 2.85 8.98
C LYS A 48 -20.16 3.19 7.97
N LEU A 49 -20.22 2.54 6.82
CA LEU A 49 -19.26 2.78 5.74
C LEU A 49 -19.63 4.04 4.98
N HIS A 50 -18.71 4.49 4.13
CA HIS A 50 -18.97 5.61 3.23
C HIS A 50 -18.46 5.27 1.84
N MET A 51 -18.58 6.23 0.93
CA MET A 51 -18.31 5.96 -0.49
C MET A 51 -16.88 5.55 -0.73
N GLY A 52 -15.95 6.00 0.12
CA GLY A 52 -14.59 5.53 0.01
C GLY A 52 -14.49 4.03 0.19
N HIS A 53 -15.15 3.52 1.24
CA HIS A 53 -15.20 2.08 1.45
C HIS A 53 -15.93 1.37 0.31
N VAL A 54 -17.00 1.99 -0.20
CA VAL A 54 -17.69 1.40 -1.35
C VAL A 54 -16.75 1.31 -2.54
N ARG A 55 -15.95 2.34 -2.79
CA ARG A 55 -15.04 2.30 -3.93
C ARG A 55 -14.02 1.19 -3.77
N ASN A 56 -13.43 1.07 -2.58
CA ASN A 56 -12.44 0.03 -2.30
C ASN A 56 -13.00 -1.35 -2.58
N TYR A 57 -14.18 -1.64 -2.05
CA TYR A 57 -14.68 -3.00 -2.08
C TYR A 57 -15.35 -3.32 -3.42
N THR A 58 -15.88 -2.30 -4.11
CA THR A 58 -16.32 -2.51 -5.49
C THR A 58 -15.15 -2.84 -6.41
N ILE A 59 -14.01 -2.18 -6.20
CA ILE A 59 -12.83 -2.50 -7.00
C ILE A 59 -12.42 -3.95 -6.79
N GLY A 60 -12.35 -4.38 -5.52
CA GLY A 60 -12.00 -5.76 -5.24
C GLY A 60 -13.01 -6.73 -5.83
N ASP A 61 -14.28 -6.35 -5.82
CA ASP A 61 -15.32 -7.22 -6.37
C ASP A 61 -15.26 -7.29 -7.88
N VAL A 62 -14.89 -6.19 -8.55
CA VAL A 62 -14.74 -6.22 -9.99
C VAL A 62 -13.68 -7.25 -10.39
N LEU A 63 -12.52 -7.20 -9.72
CA LEU A 63 -11.46 -8.14 -10.04
C LEU A 63 -11.85 -9.57 -9.68
N SER A 64 -12.55 -9.74 -8.55
CA SER A 64 -12.99 -11.07 -8.15
C SER A 64 -13.91 -11.67 -9.20
N ARG A 65 -14.95 -10.93 -9.60
CA ARG A 65 -15.95 -11.46 -10.53
C ARG A 65 -15.35 -11.72 -11.90
N PHE A 66 -14.44 -10.85 -12.35
CA PHE A 66 -13.71 -11.10 -13.59
C PHE A 66 -13.03 -12.46 -13.58
N LYS A 67 -12.25 -12.73 -12.52
CA LYS A 67 -11.55 -14.00 -12.40
C LYS A 67 -12.52 -15.16 -12.23
N LEU A 68 -13.61 -14.94 -11.51
CA LEU A 68 -14.66 -15.96 -11.39
C LEU A 68 -15.18 -16.38 -12.77
N LEU A 69 -15.56 -15.39 -13.59
CA LEU A 69 -16.06 -15.68 -14.94
C LEU A 69 -15.03 -16.38 -15.82
N ASN A 70 -13.75 -16.23 -15.52
CA ASN A 70 -12.71 -16.94 -16.26
C ASN A 70 -12.38 -18.29 -15.62
N GLY A 71 -13.24 -18.79 -14.74
CA GLY A 71 -13.11 -20.13 -14.19
C GLY A 71 -12.21 -20.27 -12.99
N PHE A 72 -11.78 -19.17 -12.37
CA PHE A 72 -10.98 -19.29 -11.17
C PHE A 72 -11.86 -19.59 -9.97
N ASN A 73 -11.29 -20.33 -9.01
CA ASN A 73 -11.88 -20.56 -7.70
C ASN A 73 -11.52 -19.37 -6.84
N VAL A 74 -12.41 -18.38 -6.73
CA VAL A 74 -12.05 -17.09 -6.19
C VAL A 74 -12.46 -17.02 -4.72
N MET A 75 -11.50 -16.68 -3.86
CA MET A 75 -11.80 -16.36 -2.47
C MET A 75 -11.72 -14.85 -2.31
N GLN A 76 -12.83 -14.24 -1.92
CA GLN A 76 -12.86 -12.82 -1.60
C GLN A 76 -13.47 -12.67 -0.20
N PRO A 77 -12.63 -12.65 0.83
CA PRO A 77 -13.13 -12.63 2.21
C PRO A 77 -13.27 -11.24 2.78
N MET A 78 -14.23 -11.11 3.70
CA MET A 78 -14.47 -9.89 4.45
C MET A 78 -14.33 -10.16 5.94
N GLY A 79 -13.96 -9.12 6.68
CA GLY A 79 -13.77 -9.25 8.10
C GLY A 79 -13.68 -7.88 8.73
N TRP A 80 -13.50 -7.86 10.05
CA TRP A 80 -13.57 -6.63 10.83
C TRP A 80 -12.31 -6.48 11.67
N ASP A 81 -11.60 -5.37 11.45
CA ASP A 81 -10.40 -5.01 12.22
C ASP A 81 -10.88 -4.28 13.47
N ALA A 82 -11.19 -5.05 14.51
CA ALA A 82 -12.13 -4.56 15.49
C ALA A 82 -11.48 -3.92 16.70
N PHE A 83 -10.22 -4.22 16.99
CA PHE A 83 -9.58 -3.64 18.17
C PHE A 83 -9.10 -2.22 17.87
N GLY A 84 -9.09 -1.39 18.89
CA GLY A 84 -8.55 -0.06 18.74
C GLY A 84 -9.30 0.97 19.55
N MET A 85 -8.85 2.21 19.41
CA MET A 85 -9.26 3.35 20.22
C MET A 85 -10.64 3.90 19.88
N PRO A 86 -11.06 3.95 18.61
CA PRO A 86 -12.43 4.41 18.30
C PRO A 86 -13.50 3.76 19.18
N ALA A 87 -13.34 2.50 19.56
CA ALA A 87 -14.33 1.88 20.45
C ALA A 87 -14.23 2.43 21.86
N GLU A 88 -13.02 2.65 22.35
CA GLU A 88 -12.88 3.16 23.71
C GLU A 88 -13.42 4.57 23.82
N ASN A 89 -13.16 5.41 22.82
CA ASN A 89 -13.66 6.78 22.87
C ASN A 89 -15.18 6.81 22.81
N ALA A 90 -15.76 5.98 21.94
CA ALA A 90 -17.22 5.84 21.93
C ALA A 90 -17.72 5.17 23.22
N ALA A 91 -16.87 4.35 23.84
CA ALA A 91 -17.25 3.73 25.12
C ALA A 91 -17.37 4.78 26.21
N MET A 92 -16.38 5.66 26.33
CA MET A 92 -16.44 6.66 27.37
C MET A 92 -17.39 7.80 27.03
N LYS A 93 -17.83 7.89 25.78
CA LYS A 93 -18.77 8.94 25.40
C LYS A 93 -20.22 8.52 25.59
N ASN A 94 -20.55 7.27 25.27
CA ASN A 94 -21.91 6.76 25.41
C ASN A 94 -22.07 5.83 26.60
N ASN A 95 -21.00 5.62 27.38
CA ASN A 95 -21.03 4.73 28.54
C ASN A 95 -21.55 3.34 28.15
N VAL A 96 -20.91 2.75 27.14
CA VAL A 96 -21.23 1.42 26.68
C VAL A 96 -19.92 0.65 26.50
N ALA A 97 -20.01 -0.67 26.56
CA ALA A 97 -18.81 -1.47 26.46
C ALA A 97 -18.26 -1.41 25.03
N PRO A 98 -16.94 -1.31 24.87
CA PRO A 98 -16.38 -1.28 23.51
C PRO A 98 -16.79 -2.46 22.67
N ALA A 99 -16.92 -3.64 23.27
CA ALA A 99 -17.31 -4.81 22.51
C ALA A 99 -18.74 -4.66 21.96
N ALA A 100 -19.67 -4.25 22.82
CA ALA A 100 -21.06 -4.09 22.39
C ALA A 100 -21.20 -3.03 21.30
N TRP A 101 -20.52 -1.89 21.47
CA TRP A 101 -20.47 -0.88 20.41
C TRP A 101 -19.80 -1.42 19.15
N THR A 102 -18.91 -2.40 19.29
CA THR A 102 -18.23 -2.93 18.11
C THR A 102 -19.14 -3.90 17.36
N TYR A 103 -19.79 -4.82 18.08
CA TYR A 103 -20.59 -5.84 17.40
C TYR A 103 -21.83 -5.25 16.74
N ASP A 104 -22.40 -4.19 17.32
CA ASP A 104 -23.52 -3.53 16.68
C ASP A 104 -23.09 -2.80 15.42
N ASN A 105 -21.89 -2.20 15.43
CA ASN A 105 -21.36 -1.61 14.22
C ASN A 105 -21.15 -2.66 13.14
N ILE A 106 -20.63 -3.82 13.53
CA ILE A 106 -20.41 -4.90 12.56
C ILE A 106 -21.74 -5.29 11.91
N GLU A 107 -22.80 -5.37 12.72
CA GLU A 107 -24.11 -5.76 12.22
C GLU A 107 -24.61 -4.82 11.13
N TYR A 108 -24.65 -3.52 11.40
CA TYR A 108 -25.11 -2.57 10.39
C TYR A 108 -24.18 -2.56 9.18
N MET A 109 -22.87 -2.68 9.39
CA MET A 109 -21.98 -2.58 8.25
C MET A 109 -22.03 -3.82 7.38
N LYS A 110 -22.27 -4.99 7.98
CA LYS A 110 -22.37 -6.22 7.20
C LYS A 110 -23.60 -6.20 6.29
N THR A 111 -24.72 -5.67 6.80
CA THR A 111 -25.90 -5.54 5.95
C THR A 111 -25.69 -4.51 4.86
N GLN A 112 -25.00 -3.40 5.18
CA GLN A 112 -24.61 -2.47 4.12
C GLN A 112 -23.79 -3.16 3.06
N LEU A 113 -22.86 -4.04 3.46
CA LEU A 113 -22.01 -4.72 2.49
C LEU A 113 -22.82 -5.71 1.65
N LYS A 114 -23.68 -6.49 2.32
CA LYS A 114 -24.53 -7.44 1.60
C LYS A 114 -25.40 -6.73 0.57
N SER A 115 -25.91 -5.55 0.91
CA SER A 115 -26.80 -4.85 0.00
C SER A 115 -26.10 -4.33 -1.25
N LEU A 116 -24.76 -4.22 -1.21
CA LEU A 116 -24.00 -3.82 -2.39
C LEU A 116 -23.68 -5.00 -3.29
N GLY A 117 -23.94 -6.22 -2.83
CA GLY A 117 -23.82 -7.39 -3.67
C GLY A 117 -22.41 -7.82 -4.00
N PHE A 118 -21.46 -7.60 -3.09
CA PHE A 118 -20.11 -8.10 -3.32
C PHE A 118 -20.10 -9.63 -3.23
N ALA A 119 -19.27 -10.25 -4.08
CA ALA A 119 -19.18 -11.71 -4.19
C ALA A 119 -18.19 -12.21 -3.15
N VAL A 120 -18.67 -12.26 -1.91
CA VAL A 120 -17.84 -12.42 -0.72
C VAL A 120 -18.20 -13.74 -0.04
N ASP A 121 -17.18 -14.49 0.37
CA ASP A 121 -17.38 -15.70 1.16
C ASP A 121 -17.62 -15.31 2.63
N TRP A 122 -18.89 -15.07 2.97
CA TRP A 122 -19.22 -14.70 4.34
C TRP A 122 -19.02 -15.84 5.33
N GLU A 123 -18.86 -17.09 4.86
CA GLU A 123 -18.53 -18.17 5.78
C GLU A 123 -17.10 -18.09 6.29
N ARG A 124 -16.26 -17.22 5.70
CA ARG A 124 -14.89 -17.01 6.15
C ARG A 124 -14.74 -15.69 6.92
N GLU A 125 -15.84 -15.13 7.41
CA GLU A 125 -15.78 -13.85 8.09
C GLU A 125 -15.08 -14.00 9.44
N VAL A 126 -14.19 -13.05 9.76
CA VAL A 126 -13.59 -13.01 11.09
C VAL A 126 -13.78 -11.64 11.69
N ALA A 127 -13.81 -11.60 13.02
CA ALA A 127 -13.77 -10.36 13.78
C ALA A 127 -12.61 -10.48 14.76
N THR A 128 -11.66 -9.55 14.67
CA THR A 128 -10.39 -9.73 15.37
C THR A 128 -10.52 -9.57 16.88
N CYS A 129 -11.60 -8.98 17.37
CA CYS A 129 -11.79 -8.87 18.80
C CYS A 129 -12.32 -10.15 19.44
N LYS A 130 -12.64 -11.18 18.62
CA LYS A 130 -13.13 -12.44 19.19
C LYS A 130 -11.96 -13.31 19.62
N PRO A 131 -12.08 -14.02 20.76
CA PRO A 131 -10.97 -14.86 21.22
C PRO A 131 -10.56 -15.93 20.23
N GLU A 132 -11.51 -16.46 19.44
CA GLU A 132 -11.18 -17.45 18.43
C GLU A 132 -10.17 -16.93 17.42
N TYR A 133 -10.07 -15.61 17.27
CA TYR A 133 -9.04 -15.02 16.42
C TYR A 133 -7.77 -14.73 17.21
N TYR A 134 -7.85 -13.84 18.20
CA TYR A 134 -6.60 -13.30 18.74
C TYR A 134 -5.80 -14.30 19.55
N ARG A 135 -6.39 -15.44 19.94
CA ARG A 135 -5.62 -16.47 20.64
C ARG A 135 -4.40 -16.91 19.83
N TRP A 136 -4.45 -16.82 18.51
CA TRP A 136 -3.35 -17.29 17.67
C TRP A 136 -2.22 -16.29 17.53
N GLU A 137 -2.52 -14.98 17.63
CA GLU A 137 -1.40 -14.06 17.76
C GLU A 137 -0.81 -14.12 19.15
N GLN A 138 -1.63 -14.40 20.16
CA GLN A 138 -1.07 -14.70 21.48
C GLN A 138 -0.17 -15.93 21.40
N TRP A 139 -0.63 -16.96 20.69
CA TRP A 139 0.19 -18.16 20.52
C TRP A 139 1.53 -17.80 19.87
N LEU A 140 1.50 -17.07 18.77
CA LEU A 140 2.74 -16.73 18.08
C LEU A 140 3.63 -15.87 18.98
N PHE A 141 3.04 -15.01 19.81
CA PHE A 141 3.82 -14.19 20.73
C PHE A 141 4.66 -15.06 21.66
N THR A 142 4.02 -16.04 22.33
CA THR A 142 4.74 -16.89 23.26
C THR A 142 5.83 -17.71 22.55
N LYS A 143 5.54 -18.16 21.33
CA LYS A 143 6.54 -18.90 20.56
C LYS A 143 7.75 -18.03 20.28
N LEU A 144 7.52 -16.82 19.74
CA LEU A 144 8.62 -15.91 19.47
C LEU A 144 9.29 -15.42 20.75
N PHE A 145 8.54 -15.34 21.85
CA PHE A 145 9.12 -14.86 23.10
C PHE A 145 10.21 -15.80 23.60
N GLU A 146 9.95 -17.12 23.57
CA GLU A 146 10.95 -18.07 24.04
C GLU A 146 12.15 -18.16 23.11
N LYS A 147 11.98 -17.83 21.83
CA LYS A 147 13.11 -17.69 20.92
C LYS A 147 13.79 -16.33 21.04
N GLY A 148 13.30 -15.43 21.88
CA GLY A 148 13.86 -14.09 21.97
C GLY A 148 13.54 -13.18 20.81
N ILE A 149 12.78 -13.63 19.81
CA ILE A 149 12.34 -12.73 18.76
C ILE A 149 11.42 -11.64 19.33
N VAL A 150 10.64 -11.97 20.36
CA VAL A 150 9.93 -10.99 21.18
C VAL A 150 10.67 -10.89 22.50
N TYR A 151 10.92 -9.67 22.97
CA TYR A 151 11.66 -9.48 24.21
C TYR A 151 11.07 -8.31 24.96
N ARG A 152 11.47 -8.21 26.23
CA ARG A 152 10.98 -7.20 27.15
C ARG A 152 12.15 -6.29 27.50
N LYS A 153 11.93 -4.98 27.40
CA LYS A 153 12.94 -4.03 27.83
C LYS A 153 12.28 -2.68 28.07
N ASN A 154 12.93 -1.88 28.90
CA ASN A 154 12.44 -0.53 29.19
C ASN A 154 12.45 0.33 27.94
N GLY A 155 11.38 1.11 27.76
CA GLY A 155 11.33 2.10 26.72
C GLY A 155 10.64 3.35 27.25
N THR A 156 10.73 4.41 26.46
CA THR A 156 10.19 5.71 26.85
C THR A 156 8.74 5.87 26.39
N VAL A 157 7.90 6.44 27.26
CA VAL A 157 6.52 6.76 26.92
C VAL A 157 6.17 8.16 27.41
N ASN A 158 5.09 8.70 26.85
CA ASN A 158 4.58 10.03 27.20
C ASN A 158 3.54 9.87 28.30
N TRP A 159 3.92 10.25 29.52
CA TRP A 159 3.02 10.14 30.67
C TRP A 159 2.34 11.48 30.91
N ASP A 160 1.01 11.45 31.02
CA ASP A 160 0.22 12.63 31.34
C ASP A 160 -0.12 12.61 32.82
N PRO A 161 0.42 13.53 33.62
CA PRO A 161 0.23 13.44 35.08
C PRO A 161 -1.16 13.83 35.55
N VAL A 162 -1.99 14.44 34.70
CA VAL A 162 -3.33 14.86 35.08
C VAL A 162 -4.38 13.83 34.69
N ASP A 163 -4.34 13.37 33.44
CA ASP A 163 -5.24 12.31 33.01
C ASP A 163 -4.80 10.93 33.48
N GLN A 164 -3.56 10.79 33.95
CA GLN A 164 -3.04 9.52 34.47
C GLN A 164 -3.03 8.44 33.39
N THR A 165 -2.57 8.81 32.19
CA THR A 165 -2.56 7.90 31.06
C THR A 165 -1.32 8.12 30.24
N VAL A 166 -0.85 7.04 29.62
CA VAL A 166 0.18 7.13 28.58
C VAL A 166 -0.48 7.64 27.31
N LEU A 167 0.19 8.59 26.64
CA LEU A 167 -0.33 9.18 25.42
C LEU A 167 0.67 8.97 24.28
N ALA A 168 0.14 8.97 23.06
CA ALA A 168 0.96 8.84 21.88
C ALA A 168 1.50 10.19 21.44
N ASN A 169 2.50 10.16 20.55
CA ASN A 169 3.09 11.39 20.04
C ASN A 169 2.07 12.25 19.28
N GLY A 170 0.96 11.67 18.85
CA GLY A 170 -0.08 12.44 18.20
C GLY A 170 -1.00 13.19 19.14
N GLN A 171 -1.10 12.72 20.38
CA GLN A 171 -1.93 13.39 21.38
C GLN A 171 -1.16 14.38 22.24
N VAL A 172 0.15 14.53 22.04
CA VAL A 172 0.92 15.56 22.71
C VAL A 172 1.14 16.71 21.74
N ILE A 173 0.79 17.92 22.17
CA ILE A 173 0.87 19.12 21.34
C ILE A 173 1.64 20.17 22.11
N ASP A 174 2.80 20.57 21.58
CA ASP A 174 3.67 21.56 22.22
C ASP A 174 4.07 21.09 23.62
N GLY A 175 4.30 19.79 23.77
CA GLY A 175 4.79 19.24 25.02
C GLY A 175 3.75 19.01 26.08
N ARG A 176 2.47 19.10 25.75
CA ARG A 176 1.40 18.96 26.72
C ARG A 176 0.30 18.04 26.19
N GLY A 177 -0.47 17.50 27.13
CA GLY A 177 -1.56 16.61 26.75
C GLY A 177 -2.67 17.35 26.03
N TRP A 178 -3.32 16.65 25.11
CA TRP A 178 -4.36 17.27 24.29
C TRP A 178 -5.61 17.61 25.11
N ARG A 179 -5.96 16.76 26.07
CA ARG A 179 -7.18 16.93 26.85
C ARG A 179 -6.89 17.35 28.29
N SER A 180 -5.67 17.84 28.55
CA SER A 180 -5.30 18.25 29.91
C SER A 180 -4.48 19.53 29.89
N GLY A 181 -3.60 19.67 28.89
CA GLY A 181 -2.70 20.80 28.86
C GLY A 181 -1.61 20.75 29.91
N ALA A 182 -1.28 19.56 30.42
CA ALA A 182 -0.24 19.41 31.43
C ALA A 182 1.06 18.98 30.76
N LEU A 183 2.17 19.46 31.30
CA LEU A 183 3.48 19.10 30.75
C LEU A 183 3.69 17.58 30.84
N ILE A 184 4.06 16.99 29.71
CA ILE A 184 4.19 15.54 29.61
C ILE A 184 5.54 15.10 30.13
N GLU A 185 5.55 14.08 30.97
CA GLU A 185 6.78 13.48 31.47
C GLU A 185 7.20 12.32 30.58
N LYS A 186 8.51 12.10 30.50
CA LYS A 186 9.09 11.00 29.75
C LYS A 186 9.46 9.91 30.75
N ARG A 187 8.64 8.88 30.83
CA ARG A 187 8.87 7.77 31.76
C ARG A 187 9.42 6.56 31.02
N GLU A 188 10.37 5.88 31.67
CA GLU A 188 10.88 4.60 31.20
C GLU A 188 10.05 3.50 31.84
N ILE A 189 9.35 2.71 31.04
CA ILE A 189 8.57 1.58 31.55
C ILE A 189 8.91 0.34 30.73
N PRO A 190 8.84 -0.85 31.33
CA PRO A 190 9.10 -2.06 30.55
C PRO A 190 7.98 -2.29 29.54
N MET A 191 8.38 -2.66 28.32
CA MET A 191 7.44 -2.94 27.24
C MET A 191 8.00 -4.08 26.40
N TYR A 192 7.14 -4.64 25.55
CA TYR A 192 7.49 -5.78 24.71
C TYR A 192 7.74 -5.32 23.28
N TYR A 193 8.74 -5.94 22.63
CA TYR A 193 9.19 -5.57 21.31
C TYR A 193 9.33 -6.80 20.44
N PHE A 194 8.96 -6.65 19.16
CA PHE A 194 9.38 -7.60 18.14
C PHE A 194 10.74 -7.16 17.61
N LYS A 195 11.69 -8.11 17.56
CA LYS A 195 13.02 -7.83 17.03
C LYS A 195 12.98 -7.83 15.50
N ILE A 196 12.26 -6.86 14.95
CA ILE A 196 12.15 -6.77 13.50
C ILE A 196 13.47 -6.39 12.84
N THR A 197 14.38 -5.76 13.59
CA THR A 197 15.70 -5.44 13.04
C THR A 197 16.47 -6.70 12.63
N ASP A 198 16.24 -7.83 13.30
CA ASP A 198 16.86 -9.09 12.88
C ASP A 198 16.43 -9.52 11.48
N TYR A 199 15.31 -9.00 10.99
CA TYR A 199 14.80 -9.36 9.66
C TYR A 199 14.95 -8.24 8.64
N ALA A 200 15.71 -7.18 8.97
CA ALA A 200 15.75 -6.00 8.11
C ALA A 200 16.25 -6.34 6.71
N GLU A 201 17.30 -7.16 6.63
CA GLU A 201 17.90 -7.46 5.33
C GLU A 201 16.95 -8.28 4.48
N GLU A 202 16.28 -9.26 5.08
CA GLU A 202 15.24 -10.01 4.36
C GLU A 202 14.12 -9.07 3.91
N LEU A 203 13.64 -8.22 4.81
CA LEU A 203 12.53 -7.32 4.48
C LEU A 203 12.90 -6.37 3.37
N LEU A 204 14.16 -5.92 3.33
CA LEU A 204 14.61 -5.06 2.26
C LEU A 204 14.78 -5.84 0.95
N ASN A 205 15.53 -6.94 1.01
CA ASN A 205 15.93 -7.60 -0.24
C ASN A 205 14.75 -8.28 -0.93
N ASP A 206 13.80 -8.83 -0.16
CA ASP A 206 12.67 -9.52 -0.76
C ASP A 206 11.75 -8.59 -1.53
N LEU A 207 11.88 -7.27 -1.34
CA LEU A 207 11.12 -6.32 -2.15
C LEU A 207 11.42 -6.52 -3.63
N ASP A 208 12.64 -6.94 -3.97
CA ASP A 208 13.00 -7.15 -5.36
C ASP A 208 12.17 -8.25 -6.00
N LYS A 209 11.63 -9.18 -5.21
CA LYS A 209 10.72 -10.19 -5.75
C LYS A 209 9.40 -9.62 -6.21
N LEU A 210 9.03 -8.42 -5.76
CA LEU A 210 7.67 -7.91 -5.97
C LEU A 210 7.60 -7.15 -7.30
N GLU A 211 7.73 -7.90 -8.39
CA GLU A 211 7.72 -7.29 -9.71
C GLU A 211 6.38 -6.64 -10.05
N HIS A 212 5.32 -6.94 -9.31
CA HIS A 212 3.99 -6.37 -9.59
C HIS A 212 3.53 -5.43 -8.48
N TRP A 213 4.47 -4.84 -7.76
CA TRP A 213 4.10 -3.80 -6.83
C TRP A 213 4.41 -2.43 -7.43
N PRO A 214 3.65 -1.39 -7.07
CA PRO A 214 4.02 -0.04 -7.49
C PRO A 214 5.42 0.30 -6.97
N GLU A 215 6.23 0.92 -7.84
CA GLU A 215 7.60 1.23 -7.44
C GLU A 215 7.66 2.17 -6.26
N GLN A 216 6.74 3.15 -6.17
CA GLN A 216 6.78 4.08 -5.06
CA GLN A 216 6.80 4.08 -5.05
C GLN A 216 6.55 3.38 -3.72
N VAL A 217 5.75 2.31 -3.71
CA VAL A 217 5.50 1.59 -2.46
C VAL A 217 6.74 0.85 -2.02
N LYS A 218 7.43 0.21 -2.97
CA LYS A 218 8.71 -0.40 -2.63
C LYS A 218 9.71 0.66 -2.16
N THR A 219 9.76 1.79 -2.85
CA THR A 219 10.64 2.88 -2.46
C THR A 219 10.38 3.33 -1.03
N MET A 220 9.09 3.47 -0.67
CA MET A 220 8.75 3.86 0.69
C MET A 220 9.19 2.81 1.71
N GLN A 221 9.08 1.54 1.36
CA GLN A 221 9.55 0.48 2.27
C GLN A 221 11.05 0.57 2.47
N ARG A 222 11.81 0.72 1.37
CA ARG A 222 13.26 0.81 1.48
C ARG A 222 13.68 1.98 2.34
N ASN A 223 13.05 3.14 2.18
CA ASN A 223 13.45 4.31 2.96
C ASN A 223 13.07 4.16 4.43
N TRP A 224 11.95 3.48 4.71
CA TRP A 224 11.61 3.26 6.10
C TRP A 224 12.62 2.34 6.77
N ILE A 225 13.02 1.27 6.08
CA ILE A 225 14.03 0.38 6.64
C ILE A 225 15.36 1.13 6.76
N GLY A 226 15.71 1.90 5.74
CA GLY A 226 16.80 2.84 5.86
C GLY A 226 18.15 2.19 6.08
N LYS A 227 18.47 1.18 5.28
CA LYS A 227 19.78 0.56 5.30
C LYS A 227 20.83 1.50 4.73
N SER A 228 21.98 1.57 5.40
CA SER A 228 23.13 2.29 4.87
C SER A 228 24.38 1.44 5.08
N ARG A 229 25.28 1.50 4.10
CA ARG A 229 26.60 0.91 4.19
C ARG A 229 27.58 2.04 4.52
N GLY A 230 28.12 2.03 5.72
CA GLY A 230 28.96 3.14 6.13
C GLY A 230 30.23 2.70 6.81
N MET A 231 30.81 3.59 7.60
CA MET A 231 32.10 3.34 8.23
C MET A 231 32.02 3.75 9.70
N THR A 232 32.32 2.81 10.58
CA THR A 232 32.69 3.17 11.93
C THR A 232 34.09 3.77 11.93
N VAL A 233 34.22 4.98 12.49
CA VAL A 233 35.47 5.72 12.52
C VAL A 233 35.72 6.18 13.95
N ARG A 234 36.90 5.86 14.48
CA ARG A 234 37.28 6.23 15.84
C ARG A 234 38.29 7.37 15.81
N PHE A 235 38.00 8.42 16.56
CA PHE A 235 38.90 9.55 16.73
C PHE A 235 39.51 9.46 18.12
N ALA A 236 40.83 9.34 18.19
CA ALA A 236 41.51 9.25 19.47
C ALA A 236 41.40 10.56 20.24
N VAL A 237 40.95 10.47 21.49
CA VAL A 237 40.77 11.67 22.31
C VAL A 237 42.12 12.30 22.57
N SER A 238 42.19 13.62 22.38
CA SER A 238 43.43 14.33 22.65
C SER A 238 43.83 14.17 24.11
N ASP A 239 45.14 14.32 24.39
CA ASP A 239 45.64 14.15 25.75
C ASP A 239 45.08 15.21 26.70
N ASP A 240 44.82 16.42 26.19
CA ASP A 240 44.32 17.53 26.97
C ASP A 240 42.79 17.60 27.00
N SER A 241 42.09 16.47 26.80
CA SER A 241 40.63 16.51 26.78
C SER A 241 40.03 15.23 27.35
N LYS A 242 40.71 14.61 28.32
CA LYS A 242 40.27 13.34 28.89
C LYS A 242 39.75 13.48 30.31
N GLN A 243 39.63 14.71 30.82
CA GLN A 243 39.17 14.93 32.18
C GLN A 243 37.74 14.43 32.35
N GLY A 244 37.53 13.54 33.33
CA GLY A 244 36.22 13.04 33.64
C GLY A 244 35.73 11.88 32.79
N LEU A 245 36.48 11.50 31.76
CA LEU A 245 36.04 10.41 30.89
C LEU A 245 36.65 9.09 31.35
N GLU A 246 35.86 8.02 31.27
CA GLU A 246 36.27 6.69 31.68
C GLU A 246 35.98 5.70 30.56
N GLY A 247 36.66 4.55 30.63
CA GLY A 247 36.42 3.50 29.66
C GLY A 247 36.92 3.86 28.26
N ASP A 248 36.22 3.32 27.26
CA ASP A 248 36.58 3.60 25.88
C ASP A 248 36.40 5.07 25.54
N TYR A 249 35.41 5.74 26.15
CA TYR A 249 35.19 7.15 25.87
C TYR A 249 36.41 8.00 26.23
N ALA A 250 37.24 7.52 27.15
CA ALA A 250 38.43 8.30 27.51
C ALA A 250 39.48 8.23 26.40
N LYS A 251 39.52 7.14 25.64
CA LYS A 251 40.60 6.95 24.68
C LYS A 251 40.21 7.30 23.24
N PHE A 252 38.94 7.11 22.85
CA PHE A 252 38.55 7.46 21.49
C PHE A 252 37.09 7.91 21.46
N LEU A 253 36.76 8.66 20.41
CA LEU A 253 35.38 9.04 20.10
C LEU A 253 34.96 8.32 18.82
N GLN A 254 33.93 7.49 18.90
CA GLN A 254 33.50 6.66 17.77
C GLN A 254 32.28 7.29 17.11
N VAL A 255 32.32 7.39 15.78
CA VAL A 255 31.22 7.94 15.01
C VAL A 255 30.88 6.96 13.89
N TYR A 256 29.70 7.13 13.32
CA TYR A 256 29.28 6.42 12.13
C TYR A 256 29.10 7.43 11.00
N THR A 257 29.60 7.09 9.83
CA THR A 257 29.41 7.94 8.66
C THR A 257 29.20 7.08 7.43
N THR A 258 28.35 7.58 6.53
CA THR A 258 28.17 6.97 5.23
C THR A 258 29.06 7.60 4.16
N ARG A 259 29.79 8.66 4.50
CA ARG A 259 30.72 9.29 3.55
C ARG A 259 32.16 9.24 4.07
N PRO A 260 32.72 8.03 4.29
CA PRO A 260 34.12 7.96 4.69
C PRO A 260 35.08 8.43 3.61
N ASP A 261 34.60 8.58 2.38
CA ASP A 261 35.40 9.18 1.32
C ASP A 261 35.67 10.66 1.56
N THR A 262 34.97 11.28 2.52
CA THR A 262 35.19 12.67 2.86
C THR A 262 35.82 12.84 4.24
N LEU A 263 36.33 11.75 4.82
CA LEU A 263 36.93 11.83 6.15
C LEU A 263 38.12 12.79 6.18
N MET A 264 38.77 13.00 5.04
CA MET A 264 39.85 13.97 4.97
C MET A 264 39.34 15.41 5.00
N GLY A 265 38.04 15.61 4.77
CA GLY A 265 37.42 16.93 4.82
C GLY A 265 36.65 17.22 6.10
N ALA A 266 36.89 16.42 7.14
CA ALA A 266 36.22 16.66 8.42
C ALA A 266 36.85 17.86 9.11
N THR A 267 36.02 18.82 9.51
CA THR A 267 36.52 20.02 10.16
C THR A 267 36.09 20.17 11.61
N TYR A 268 34.98 19.55 12.01
CA TYR A 268 34.60 19.46 13.41
C TYR A 268 33.81 18.17 13.60
N VAL A 269 33.52 17.86 14.85
CA VAL A 269 32.78 16.66 15.24
C VAL A 269 31.64 17.09 16.16
N ALA A 270 30.55 16.32 16.15
CA ALA A 270 29.37 16.65 16.95
C ALA A 270 28.90 15.42 17.73
N VAL A 271 28.52 15.62 18.99
CA VAL A 271 28.02 14.54 19.82
C VAL A 271 26.64 14.92 20.35
N ALA A 272 25.89 13.89 20.72
CA ALA A 272 24.58 14.08 21.33
C ALA A 272 24.73 14.65 22.74
N ALA A 273 23.67 15.34 23.18
CA ALA A 273 23.70 15.95 24.51
C ALA A 273 23.94 14.91 25.60
N GLU A 274 23.50 13.67 25.41
CA GLU A 274 23.69 12.61 26.39
C GLU A 274 25.03 11.90 26.26
N HIS A 275 25.87 12.30 25.30
CA HIS A 275 27.16 11.63 25.10
C HIS A 275 28.10 11.91 26.27
N PRO A 276 28.88 10.90 26.69
CA PRO A 276 29.82 11.12 27.81
C PRO A 276 30.77 12.28 27.61
N LEU A 277 31.15 12.59 26.36
CA LEU A 277 31.94 13.80 26.13
C LEU A 277 31.13 15.04 26.46
N ALA A 278 29.83 15.03 26.13
CA ALA A 278 28.98 16.17 26.48
C ALA A 278 28.87 16.33 27.99
N THR A 279 28.74 15.21 28.70
CA THR A 279 28.56 15.26 30.14
C THR A 279 29.83 15.73 30.84
N ALA A 280 30.99 15.21 30.42
CA ALA A 280 32.25 15.59 31.06
C ALA A 280 32.61 17.03 30.77
N ALA A 281 32.34 17.52 29.56
CA ALA A 281 32.72 18.89 29.24
C ALA A 281 31.79 19.91 29.86
N ALA A 282 30.58 19.50 30.22
CA ALA A 282 29.60 20.41 30.81
C ALA A 282 29.61 20.40 32.33
N ALA A 283 30.52 19.65 32.96
CA ALA A 283 30.51 19.56 34.41
C ALA A 283 30.89 20.87 35.08
N ASP A 284 31.56 21.77 34.36
CA ASP A 284 31.96 23.05 34.92
C ASP A 284 31.51 24.22 34.06
N LYS A 285 30.64 24.00 33.08
CA LYS A 285 30.17 25.05 32.19
C LYS A 285 28.65 25.11 32.20
N PRO A 286 28.05 26.07 32.89
CA PRO A 286 26.57 26.13 32.93
C PRO A 286 25.92 26.27 31.57
N GLU A 287 26.55 26.97 30.62
CA GLU A 287 25.94 27.17 29.31
CA GLU A 287 25.94 27.17 29.31
C GLU A 287 25.75 25.84 28.59
N LEU A 288 26.69 24.90 28.78
CA LEU A 288 26.53 23.59 28.16
C LEU A 288 25.45 22.77 28.87
N GLN A 289 25.34 22.92 30.19
CA GLN A 289 24.25 22.25 30.92
C GLN A 289 22.89 22.72 30.41
N ALA A 290 22.74 24.03 30.21
CA ALA A 290 21.48 24.56 29.74
C ALA A 290 21.16 24.07 28.33
N PHE A 291 22.19 23.94 27.48
CA PHE A 291 21.96 23.47 26.12
C PHE A 291 21.60 21.99 26.12
N ILE A 292 22.28 21.19 26.96
CA ILE A 292 21.91 19.79 27.13
C ILE A 292 20.47 19.67 27.61
N ALA A 293 20.07 20.49 28.58
CA ALA A 293 18.70 20.46 29.09
C ALA A 293 17.69 20.82 28.00
N GLU A 294 17.98 21.86 27.23
CA GLU A 294 17.10 22.23 26.13
C GLU A 294 17.03 21.14 25.06
N CYS A 295 18.10 20.35 24.91
CA CYS A 295 18.08 19.22 23.98
C CYS A 295 17.18 18.10 24.47
N LYS A 296 17.36 17.65 25.71
CA LYS A 296 16.47 16.64 26.28
C LYS A 296 15.04 17.14 26.38
N ALA A 297 14.84 18.47 26.45
CA ALA A 297 13.49 19.04 26.45
C ALA A 297 13.00 19.14 25.00
N GLY A 298 12.69 17.96 24.44
CA GLY A 298 12.22 17.88 23.07
C GLY A 298 12.05 16.46 22.59
N SER A 299 11.26 16.25 21.53
CA SER A 299 11.06 14.92 20.98
C SER A 299 12.03 14.69 19.83
N VAL A 300 12.48 13.44 19.69
CA VAL A 300 13.42 13.07 18.64
C VAL A 300 12.64 12.70 17.38
N ALA A 301 11.42 13.21 17.27
CA ALA A 301 10.59 12.95 16.11
C ALA A 301 11.24 13.52 14.86
N GLU A 302 11.45 12.66 13.86
CA GLU A 302 12.06 13.11 12.61
C GLU A 302 11.19 14.17 11.94
N ALA A 303 9.88 14.16 12.18
CA ALA A 303 9.02 15.20 11.65
C ALA A 303 9.37 16.56 12.24
N ASP A 304 9.58 16.61 13.55
CA ASP A 304 9.96 17.86 14.18
C ASP A 304 11.41 18.23 13.90
N MET A 305 12.27 17.23 13.67
CA MET A 305 13.70 17.48 13.53
C MET A 305 14.08 18.02 12.16
N ALA A 306 13.39 17.58 11.09
CA ALA A 306 13.73 18.05 9.76
C ALA A 306 13.50 19.54 9.62
N THR A 307 12.55 20.10 10.37
CA THR A 307 12.32 21.55 10.40
C THR A 307 12.97 22.21 11.60
N MET A 308 13.59 21.43 12.48
CA MET A 308 14.20 21.98 13.69
C MET A 308 15.44 22.80 13.35
N GLU A 309 15.56 23.96 14.00
CA GLU A 309 16.75 24.80 13.85
C GLU A 309 17.96 24.07 14.42
N LYS A 310 18.91 23.72 13.56
CA LYS A 310 20.10 23.01 14.01
C LYS A 310 20.98 23.94 14.83
N LYS A 311 21.20 23.59 16.10
CA LYS A 311 21.97 24.42 17.01
C LYS A 311 23.06 23.59 17.69
N GLY A 312 24.06 24.28 18.19
CA GLY A 312 25.18 23.60 18.82
C GLY A 312 26.01 24.56 19.65
N VAL A 313 26.77 23.98 20.58
CA VAL A 313 27.72 24.73 21.36
C VAL A 313 29.07 24.01 21.34
N PRO A 314 30.19 24.72 21.34
CA PRO A 314 31.49 24.07 21.44
C PRO A 314 31.76 23.56 22.84
N THR A 315 32.60 22.52 22.94
CA THR A 315 32.91 21.90 24.22
C THR A 315 34.31 22.18 24.74
N GLY A 316 35.21 22.67 23.91
CA GLY A 316 36.58 22.84 24.33
C GLY A 316 37.39 21.56 24.40
N ARG A 317 36.77 20.42 24.10
CA ARG A 317 37.49 19.15 24.00
C ARG A 317 37.86 18.90 22.54
N TYR A 318 38.85 18.02 22.33
CA TYR A 318 39.40 17.82 20.99
C TYR A 318 39.73 16.35 20.75
N VAL A 319 39.50 15.91 19.52
CA VAL A 319 39.85 14.57 19.07
C VAL A 319 40.67 14.69 17.80
N VAL A 320 41.30 13.57 17.42
CA VAL A 320 42.29 13.56 16.34
C VAL A 320 41.79 12.70 15.20
N ASN A 321 41.68 13.29 14.01
CA ASN A 321 41.35 12.56 12.79
C ASN A 321 42.41 11.49 12.52
N PRO A 322 42.05 10.21 12.45
CA PRO A 322 43.08 9.16 12.34
C PRO A 322 43.76 9.10 10.98
N LEU A 323 43.30 9.85 9.98
CA LEU A 323 43.86 9.79 8.62
C LEU A 323 44.83 10.92 8.30
N ASN A 324 44.57 12.15 8.77
CA ASN A 324 45.47 13.26 8.50
C ASN A 324 46.02 13.91 9.77
N GLY A 325 45.64 13.42 10.94
CA GLY A 325 46.21 13.91 12.17
C GLY A 325 45.64 15.21 12.70
N ASP A 326 44.62 15.79 12.05
CA ASP A 326 44.11 17.07 12.51
C ASP A 326 43.36 16.91 13.83
N LYS A 327 43.55 17.88 14.72
CA LYS A 327 42.82 17.93 15.98
C LYS A 327 41.51 18.67 15.74
N LEU A 328 40.39 18.02 16.02
CA LEU A 328 39.07 18.54 15.73
C LEU A 328 38.30 18.77 17.03
N GLU A 329 37.67 19.94 17.13
CA GLU A 329 36.88 20.28 18.30
C GLU A 329 35.56 19.54 18.30
N VAL A 330 35.17 19.05 19.46
CA VAL A 330 33.90 18.38 19.67
C VAL A 330 32.84 19.43 20.01
N TRP A 331 31.69 19.32 19.36
CA TRP A 331 30.53 20.16 19.64
C TRP A 331 29.41 19.29 20.17
N ILE A 332 28.55 19.89 20.99
CA ILE A 332 27.27 19.31 21.35
C ILE A 332 26.23 19.88 20.40
N ALA A 333 25.46 19.01 19.76
CA ALA A 333 24.53 19.45 18.74
C ALA A 333 23.17 18.77 18.96
N ASN A 334 22.11 19.55 18.75
CA ASN A 334 20.76 19.06 18.95
C ASN A 334 20.28 18.14 17.84
N TYR A 335 21.04 18.00 16.75
CA TYR A 335 20.64 17.08 15.69
C TYR A 335 21.24 15.69 15.84
N VAL A 336 22.16 15.50 16.78
CA VAL A 336 22.75 14.19 17.03
C VAL A 336 21.88 13.46 18.05
N LEU A 337 21.38 12.29 17.65
CA LEU A 337 20.45 11.52 18.47
C LEU A 337 21.20 10.41 19.21
N TRP A 338 21.08 10.40 20.53
CA TRP A 338 21.63 9.30 21.32
C TRP A 338 20.74 8.07 21.17
N GLY A 339 21.34 6.95 20.80
CA GLY A 339 20.63 5.71 20.54
C GLY A 339 20.59 5.33 19.08
N TYR A 340 21.01 6.20 18.17
CA TYR A 340 21.12 5.89 16.75
C TYR A 340 22.60 5.89 16.38
N GLY A 341 23.15 4.70 16.16
CA GLY A 341 24.57 4.60 15.88
C GLY A 341 25.38 4.78 17.16
N ASP A 342 26.40 5.63 17.11
CA ASP A 342 27.29 5.85 18.23
C ASP A 342 26.94 7.09 19.05
N GLY A 343 25.87 7.81 18.68
CA GLY A 343 25.55 9.07 19.34
C GLY A 343 26.52 10.19 19.05
N ALA A 344 27.32 10.04 17.99
CA ALA A 344 28.32 11.03 17.61
C ALA A 344 28.56 10.93 16.11
N VAL A 345 28.84 12.07 15.50
CA VAL A 345 29.01 12.16 14.06
C VAL A 345 30.18 13.08 13.77
N MET A 346 30.84 12.84 12.65
CA MET A 346 31.76 13.83 12.10
C MET A 346 30.98 14.80 11.21
N ALA A 347 31.61 15.92 10.92
CA ALA A 347 30.98 16.96 10.11
C ALA A 347 31.88 17.30 8.94
N VAL A 348 31.33 17.23 7.73
CA VAL A 348 32.05 17.64 6.53
C VAL A 348 31.22 18.70 5.82
N PRO A 349 31.35 19.97 6.21
CA PRO A 349 30.45 21.00 5.66
C PRO A 349 30.52 21.16 4.15
N ALA A 350 31.66 20.84 3.52
CA ALA A 350 31.77 21.05 2.09
C ALA A 350 30.96 20.05 1.27
N HIS A 351 30.45 18.98 1.87
CA HIS A 351 29.77 17.97 1.07
C HIS A 351 28.55 17.37 1.76
N ASP A 352 28.02 18.04 2.79
CA ASP A 352 26.79 17.61 3.45
C ASP A 352 25.99 18.87 3.78
N GLU A 353 24.78 18.96 3.25
CA GLU A 353 24.03 20.22 3.32
C GLU A 353 23.76 20.63 4.76
N ARG A 354 23.45 19.67 5.63
CA ARG A 354 23.25 19.98 7.03
C ARG A 354 24.53 20.52 7.66
N ASP A 355 25.66 19.86 7.39
CA ASP A 355 26.92 20.33 7.94
C ASP A 355 27.32 21.68 7.36
N PHE A 356 26.93 21.97 6.12
CA PHE A 356 27.25 23.26 5.52
C PHE A 356 26.54 24.39 6.24
N GLU A 357 25.22 24.27 6.40
CA GLU A 357 24.45 25.32 7.07
C GLU A 357 24.83 25.45 8.54
N PHE A 358 25.15 24.33 9.19
CA PHE A 358 25.64 24.38 10.57
C PHE A 358 26.95 25.14 10.65
N ALA A 359 27.90 24.80 9.77
CA ALA A 359 29.20 25.48 9.77
C ALA A 359 29.12 26.88 9.21
N ALA A 360 28.06 27.22 8.49
CA ALA A 360 27.87 28.60 8.06
C ALA A 360 27.37 29.47 9.21
N LYS A 361 26.54 28.91 10.09
CA LYS A 361 26.03 29.68 11.22
C LYS A 361 27.14 29.99 12.22
N TYR A 362 28.00 29.01 12.51
CA TYR A 362 29.06 29.15 13.49
C TYR A 362 30.41 29.45 12.86
N ASN A 363 30.48 29.58 11.53
CA ASN A 363 31.70 29.95 10.82
C ASN A 363 32.81 28.93 11.06
N LEU A 364 32.45 27.67 10.96
CA LEU A 364 33.43 26.59 11.08
C LEU A 364 34.07 26.31 9.73
N PRO A 365 35.28 25.74 9.73
CA PRO A 365 35.98 25.52 8.45
C PRO A 365 35.20 24.60 7.51
N LYS A 366 35.41 24.84 6.22
CA LYS A 366 34.77 24.03 5.15
C LYS A 366 35.89 23.61 4.19
N LYS A 367 36.31 22.34 4.20
CA LYS A 367 37.46 21.88 3.37
C LYS A 367 36.99 20.93 2.26
N GLN A 368 37.20 21.32 1.01
CA GLN A 368 36.75 20.50 -0.15
C GLN A 368 37.63 19.26 -0.26
N VAL A 369 37.00 18.10 -0.45
CA VAL A 369 37.76 16.86 -0.66
C VAL A 369 37.14 16.11 -1.83
N ILE A 370 36.12 16.71 -2.46
CA ILE A 370 35.40 16.07 -3.60
C ILE A 370 35.19 17.08 -4.72
N ALA A 371 35.59 16.72 -5.93
CA ALA A 371 35.40 17.56 -7.12
C ALA A 371 34.58 16.81 -8.15
N VAL A 372 33.59 17.49 -8.75
CA VAL A 372 32.76 16.87 -9.77
C VAL A 372 32.99 17.58 -11.11
N GLY A 373 34.01 17.14 -11.85
CA GLY A 373 34.36 17.75 -13.12
C GLY A 373 35.07 19.10 -13.01
N ASP A 374 34.62 20.08 -13.78
CA ASP A 374 35.19 21.42 -13.72
C ASP A 374 34.33 22.40 -12.93
N ASN A 375 33.41 21.88 -12.10
CA ASN A 375 32.53 22.75 -11.32
C ASN A 375 33.34 23.47 -10.24
N ALA A 376 33.14 24.79 -10.15
CA ALA A 376 33.88 25.61 -9.21
C ALA A 376 33.31 25.46 -7.81
N PHE A 377 34.19 25.26 -6.83
CA PHE A 377 33.79 25.11 -5.44
C PHE A 377 33.78 26.47 -4.76
N ASP A 378 32.67 26.80 -4.11
CA ASP A 378 32.51 28.07 -3.43
C ASP A 378 32.13 27.80 -1.97
N ALA A 379 33.05 28.10 -1.06
CA ALA A 379 32.87 27.81 0.35
C ALA A 379 31.79 28.66 1.01
N ASN A 380 31.12 29.56 0.27
CA ASN A 380 30.06 30.38 0.85
C ASN A 380 28.74 30.21 0.10
N ARG A 381 28.57 29.09 -0.60
CA ARG A 381 27.29 28.75 -1.21
C ARG A 381 27.24 27.23 -1.36
N TRP A 382 26.04 26.69 -1.24
CA TRP A 382 25.81 25.25 -1.35
C TRP A 382 25.22 24.92 -2.72
N GLN A 383 25.90 24.05 -3.46
CA GLN A 383 25.38 23.52 -4.71
C GLN A 383 25.03 22.04 -4.55
N GLU A 384 24.17 21.56 -5.44
CA GLU A 384 23.73 20.16 -5.36
C GLU A 384 24.88 19.19 -5.62
N TRP A 385 25.88 19.60 -6.41
CA TRP A 385 26.97 18.68 -6.74
C TRP A 385 27.95 18.48 -5.60
N TYR A 386 27.86 19.29 -4.54
CA TYR A 386 28.75 19.11 -3.38
C TYR A 386 28.62 17.71 -2.80
N GLY A 387 27.40 17.19 -2.72
CA GLY A 387 27.15 15.88 -2.15
C GLY A 387 26.97 14.78 -3.18
N ASP A 388 27.42 15.05 -4.41
CA ASP A 388 27.36 14.05 -5.46
C ASP A 388 28.22 12.85 -5.10
N LYS A 389 27.58 11.69 -4.93
CA LYS A 389 28.28 10.48 -4.56
C LYS A 389 28.64 9.62 -5.78
N GLU A 390 28.28 10.05 -6.98
CA GLU A 390 28.41 9.23 -8.18
C GLU A 390 29.41 9.76 -9.20
N ASN A 391 29.50 11.09 -9.37
CA ASN A 391 30.31 11.67 -10.42
C ASN A 391 31.49 12.48 -9.87
N GLY A 392 31.87 12.24 -8.61
CA GLY A 392 32.93 12.99 -7.98
C GLY A 392 34.20 12.16 -7.83
N VAL A 393 35.34 12.85 -7.76
CA VAL A 393 36.62 12.25 -7.43
C VAL A 393 37.23 13.06 -6.30
N LEU A 394 38.08 12.40 -5.51
CA LEU A 394 38.63 13.03 -4.30
C LEU A 394 39.77 13.98 -4.63
N VAL A 395 39.84 15.08 -3.87
CA VAL A 395 40.95 16.02 -3.90
C VAL A 395 41.38 16.27 -2.46
N ASN A 396 42.61 16.76 -2.30
CA ASN A 396 43.19 17.09 -1.00
C ASN A 396 43.18 15.88 -0.06
N SER A 397 43.53 14.71 -0.60
CA SER A 397 43.40 13.48 0.17
C SER A 397 44.65 12.61 0.15
N GLY A 398 45.78 13.13 -0.33
CA GLY A 398 47.02 12.36 -0.39
C GLY A 398 46.89 11.08 -1.18
N ASP A 399 47.02 9.94 -0.49
CA ASP A 399 46.90 8.63 -1.14
C ASP A 399 45.63 8.53 -1.97
N LEU A 400 44.54 9.14 -1.51
CA LEU A 400 43.20 8.90 -2.06
C LEU A 400 42.84 9.84 -3.20
N ASP A 401 43.71 10.77 -3.58
CA ASP A 401 43.40 11.72 -4.63
C ASP A 401 43.08 11.01 -5.94
N GLY A 402 41.94 11.38 -6.54
CA GLY A 402 41.56 10.89 -7.84
C GLY A 402 40.55 9.76 -7.82
N LEU A 403 40.40 9.08 -6.69
CA LEU A 403 39.50 7.95 -6.62
C LEU A 403 38.04 8.40 -6.64
N ASP A 404 37.17 7.49 -7.06
CA ASP A 404 35.72 7.72 -7.01
C ASP A 404 35.22 7.35 -5.62
N PHE A 405 33.90 7.26 -5.46
CA PHE A 405 33.34 7.01 -4.13
C PHE A 405 33.72 5.63 -3.61
N GLN A 406 33.41 4.58 -4.37
CA GLN A 406 33.62 3.23 -3.86
C GLN A 406 35.10 2.91 -3.73
N THR A 407 35.94 3.43 -4.61
CA THR A 407 37.36 3.16 -4.51
C THR A 407 37.96 3.80 -3.27
N ALA A 408 37.52 5.02 -2.95
CA ALA A 408 37.98 5.67 -1.73
C ALA A 408 37.39 5.01 -0.49
N PHE A 409 36.13 4.59 -0.58
CA PHE A 409 35.50 3.84 0.51
C PHE A 409 36.33 2.62 0.89
N ASP A 410 36.54 1.71 -0.07
CA ASP A 410 37.31 0.50 0.19
C ASP A 410 38.72 0.85 0.65
N ALA A 411 39.30 1.90 0.07
CA ALA A 411 40.65 2.29 0.47
C ALA A 411 40.68 2.79 1.90
N VAL A 412 39.70 3.61 2.28
CA VAL A 412 39.68 4.09 3.65
C VAL A 412 39.41 2.94 4.61
N ALA A 413 38.53 2.02 4.21
CA ALA A 413 38.24 0.83 5.01
C ALA A 413 39.50 0.05 5.35
N ALA A 414 40.31 -0.25 4.33
CA ALA A 414 41.53 -1.01 4.59
C ALA A 414 42.50 -0.20 5.46
N LYS A 415 42.57 1.12 5.27
CA LYS A 415 43.52 1.92 6.05
C LYS A 415 43.12 1.97 7.53
N LEU A 416 41.83 2.22 7.79
CA LEU A 416 41.38 2.28 9.17
C LEU A 416 41.58 0.95 9.87
N GLN A 417 41.23 -0.15 9.21
CA GLN A 417 41.45 -1.48 9.79
C GLN A 417 42.94 -1.75 10.02
N SER A 418 43.82 -1.20 9.18
CA SER A 418 45.25 -1.36 9.41
C SER A 418 45.68 -0.66 10.68
N GLN A 419 45.12 0.52 10.94
CA GLN A 419 45.45 1.26 12.14
C GLN A 419 44.54 0.92 13.31
N GLY A 420 43.62 -0.03 13.14
CA GLY A 420 42.65 -0.34 14.17
C GLY A 420 41.66 0.77 14.47
N ALA A 421 41.64 1.82 13.65
CA ALA A 421 40.86 3.02 13.91
C ALA A 421 39.48 3.03 13.23
N GLY A 422 39.06 1.92 12.63
CA GLY A 422 37.71 1.84 12.10
C GLY A 422 37.50 0.60 11.26
N GLU A 423 36.25 0.37 10.89
CA GLU A 423 35.88 -0.78 10.07
C GLU A 423 34.54 -0.50 9.41
N PRO A 424 34.22 -1.18 8.31
CA PRO A 424 32.92 -0.98 7.66
C PRO A 424 31.79 -1.52 8.53
N LYS A 425 30.65 -0.85 8.45
CA LYS A 425 29.50 -1.21 9.28
C LYS A 425 28.22 -0.86 8.55
N THR A 426 27.29 -1.83 8.50
CA THR A 426 25.97 -1.58 7.90
C THR A 426 25.04 -1.15 9.03
N GLN A 427 24.36 -0.02 8.88
CA GLN A 427 23.38 0.39 9.90
C GLN A 427 22.00 0.49 9.25
N TYR A 428 20.97 0.64 10.07
CA TYR A 428 19.57 0.73 9.55
C TYR A 428 18.79 1.73 10.39
N ARG A 429 17.93 2.53 9.77
CA ARG A 429 17.07 3.40 10.56
C ARG A 429 15.96 2.60 11.26
N LEU A 430 15.61 1.44 10.72
CA LEU A 430 14.59 0.60 11.32
C LEU A 430 14.88 0.36 12.81
N ARG A 431 13.88 0.61 13.64
CA ARG A 431 13.95 0.30 15.05
C ARG A 431 13.05 -0.90 15.33
N ASP A 432 13.26 -1.53 16.49
CA ASP A 432 12.43 -2.66 16.86
C ASP A 432 11.00 -2.21 17.07
N TRP A 433 10.07 -3.16 16.93
CA TRP A 433 8.64 -2.87 16.91
C TRP A 433 8.08 -3.00 18.33
N GLY A 434 7.82 -1.86 18.97
CA GLY A 434 7.22 -1.87 20.30
C GLY A 434 5.74 -2.13 20.22
N ILE A 435 5.27 -3.20 20.86
CA ILE A 435 3.87 -3.61 20.70
C ILE A 435 3.02 -3.36 21.92
N SER A 436 3.61 -2.96 23.06
CA SER A 436 2.83 -2.72 24.26
C SER A 436 1.98 -1.48 24.13
N ARG A 437 0.73 -1.58 24.57
CA ARG A 437 -0.19 -0.47 24.62
C ARG A 437 -0.86 -0.45 26.00
N GLN A 438 -0.89 0.70 26.63
CA GLN A 438 -1.57 0.82 27.92
C GLN A 438 -3.04 1.20 27.70
N ARG A 439 -3.76 0.27 27.06
CA ARG A 439 -5.15 0.45 26.66
C ARG A 439 -5.91 -0.85 26.89
N TYR A 440 -7.23 -0.72 27.05
CA TYR A 440 -8.05 -1.89 27.35
C TYR A 440 -8.43 -2.66 26.09
N TRP A 441 -8.98 -1.98 25.08
CA TRP A 441 -9.64 -2.66 23.97
C TRP A 441 -8.59 -3.14 22.96
N GLY A 442 -8.08 -4.35 23.22
CA GLY A 442 -6.94 -4.86 22.48
C GLY A 442 -6.58 -6.23 22.99
N CYS A 443 -5.81 -6.94 22.18
CA CYS A 443 -5.39 -8.29 22.53
C CYS A 443 -4.53 -8.31 23.79
N PRO A 444 -4.92 -9.04 24.82
CA PRO A 444 -4.06 -9.16 26.01
C PRO A 444 -2.73 -9.83 25.66
N ILE A 445 -1.66 -9.33 26.28
CA ILE A 445 -0.32 -9.88 26.14
C ILE A 445 -0.21 -11.11 27.04
N PRO A 446 0.14 -12.29 26.48
CA PRO A 446 0.08 -13.56 27.23
C PRO A 446 1.31 -13.79 28.11
N ILE A 447 1.55 -12.86 29.02
CA ILE A 447 2.66 -12.93 29.96
C ILE A 447 2.11 -12.92 31.37
N VAL A 448 2.72 -13.73 32.25
CA VAL A 448 2.45 -13.70 33.67
C VAL A 448 3.74 -13.28 34.39
N HIS A 449 3.60 -12.36 35.34
CA HIS A 449 4.72 -11.81 36.10
C HIS A 449 4.75 -12.52 37.45
N CYS A 450 5.78 -13.33 37.65
CA CYS A 450 6.01 -14.04 38.89
C CYS A 450 7.22 -13.43 39.59
N GLU A 451 7.12 -13.18 40.89
CA GLU A 451 8.25 -12.59 41.59
C GLU A 451 9.41 -13.57 41.73
N LYS A 452 9.15 -14.86 41.60
CA LYS A 452 10.22 -15.85 41.57
C LYS A 452 10.64 -16.22 40.16
N CYS A 453 9.70 -16.37 39.24
CA CYS A 453 10.04 -16.88 37.93
C CYS A 453 10.26 -15.80 36.88
N GLY A 454 9.90 -14.54 37.17
CA GLY A 454 10.01 -13.46 36.20
C GLY A 454 8.88 -13.35 35.21
N ASN A 455 9.20 -12.97 33.97
CA ASN A 455 8.20 -12.82 32.90
C ASN A 455 7.99 -14.18 32.25
N VAL A 456 6.83 -14.78 32.49
CA VAL A 456 6.54 -16.14 32.08
C VAL A 456 5.49 -16.10 30.97
N PRO A 457 5.68 -16.81 29.86
CA PRO A 457 4.63 -16.87 28.84
C PRO A 457 3.53 -17.84 29.25
N VAL A 458 2.31 -17.50 28.88
CA VAL A 458 1.18 -18.39 29.16
C VAL A 458 1.31 -19.64 28.30
N PRO A 459 1.18 -20.84 28.87
CA PRO A 459 1.24 -22.07 28.06
C PRO A 459 0.15 -22.11 27.01
N ALA A 460 0.44 -22.80 25.90
CA ALA A 460 -0.50 -22.86 24.78
C ALA A 460 -1.85 -23.45 25.19
N ASP A 461 -1.86 -24.44 26.09
CA ASP A 461 -3.12 -25.01 26.57
C ASP A 461 -3.98 -23.96 27.25
N GLN A 462 -3.38 -22.94 27.84
CA GLN A 462 -4.14 -21.93 28.58
C GLN A 462 -4.50 -20.73 27.72
N LEU A 463 -4.14 -20.74 26.40
CA LEU A 463 -4.55 -19.65 25.53
C LEU A 463 -5.94 -19.92 24.96
N PRO A 464 -6.72 -18.88 24.69
CA PRO A 464 -6.38 -17.46 24.88
C PRO A 464 -6.41 -16.99 26.33
N VAL A 465 -5.61 -15.96 26.61
CA VAL A 465 -5.92 -15.06 27.73
C VAL A 465 -7.11 -14.22 27.28
N VAL A 466 -8.28 -14.46 27.87
CA VAL A 466 -9.51 -13.86 27.38
C VAL A 466 -9.60 -12.43 27.92
N LEU A 467 -9.77 -11.47 27.02
CA LEU A 467 -10.03 -10.10 27.44
C LEU A 467 -11.46 -10.01 27.97
N PRO A 468 -11.68 -9.44 29.15
CA PRO A 468 -13.07 -9.31 29.64
C PRO A 468 -13.83 -8.25 28.86
N GLU A 469 -15.00 -8.62 28.37
CA GLU A 469 -15.77 -7.70 27.54
C GLU A 469 -16.76 -6.83 28.32
N ASN A 470 -16.99 -7.16 29.58
CA ASN A 470 -17.92 -6.40 30.42
C ASN A 470 -17.19 -5.26 31.14
N VAL A 471 -16.68 -4.33 30.33
CA VAL A 471 -15.82 -3.24 30.81
C VAL A 471 -16.21 -1.96 30.08
N VAL A 472 -16.31 -0.87 30.82
CA VAL A 472 -16.61 0.44 30.27
C VAL A 472 -15.48 1.39 30.65
N PRO A 473 -14.54 1.63 29.75
CA PRO A 473 -13.36 2.43 30.11
C PRO A 473 -13.73 3.88 30.35
N ASP A 474 -13.06 4.49 31.31
CA ASP A 474 -13.31 5.88 31.69
C ASP A 474 -12.30 6.85 31.10
N GLY A 475 -11.06 6.42 30.90
CA GLY A 475 -10.02 7.27 30.35
C GLY A 475 -8.94 7.68 31.32
N MET A 476 -9.05 7.29 32.60
CA MET A 476 -8.03 7.61 33.61
C MET A 476 -7.13 6.41 33.88
N GLY A 477 -6.76 5.67 32.85
CA GLY A 477 -5.94 4.48 32.99
C GLY A 477 -6.63 3.23 32.50
N SER A 478 -5.85 2.21 32.12
CA SER A 478 -6.45 0.99 31.62
C SER A 478 -7.26 0.31 32.71
N PRO A 479 -8.52 -0.05 32.44
CA PRO A 479 -9.31 -0.78 33.44
C PRO A 479 -8.73 -2.14 33.81
N LEU A 480 -7.98 -2.78 32.90
CA LEU A 480 -7.36 -4.05 33.24
C LEU A 480 -6.47 -3.93 34.46
N ALA A 481 -5.69 -2.85 34.56
CA ALA A 481 -4.81 -2.67 35.71
C ALA A 481 -5.58 -2.40 36.99
N LYS A 482 -6.89 -2.22 36.92
CA LYS A 482 -7.70 -2.01 38.11
C LYS A 482 -8.66 -3.17 38.35
N MET A 483 -8.49 -4.29 37.64
CA MET A 483 -9.37 -5.44 37.77
C MET A 483 -8.57 -6.61 38.33
N PRO A 484 -8.49 -6.76 39.66
CA PRO A 484 -7.76 -7.91 40.21
C PRO A 484 -8.29 -9.24 39.73
N GLU A 485 -9.60 -9.34 39.47
CA GLU A 485 -10.17 -10.57 38.95
C GLU A 485 -9.63 -10.92 37.58
N PHE A 486 -8.98 -9.97 36.91
CA PHE A 486 -8.26 -10.27 35.70
C PHE A 486 -6.79 -10.52 35.94
N TYR A 487 -6.09 -9.59 36.61
CA TYR A 487 -4.63 -9.71 36.65
C TYR A 487 -4.13 -10.66 37.72
N GLU A 488 -4.91 -10.94 38.76
CA GLU A 488 -4.46 -11.91 39.77
C GLU A 488 -4.62 -13.32 39.23
N THR A 489 -3.53 -14.09 39.24
CA THR A 489 -3.55 -15.43 38.69
C THR A 489 -2.48 -16.25 39.39
N SER A 490 -2.21 -17.43 38.86
CA SER A 490 -1.16 -18.29 39.40
C SER A 490 -0.04 -18.39 38.38
N CYS A 491 1.17 -18.60 38.87
CA CYS A 491 2.31 -18.68 37.95
C CYS A 491 2.28 -20.01 37.22
N PRO A 492 2.35 -20.02 35.89
CA PRO A 492 2.29 -21.31 35.18
C PRO A 492 3.55 -22.14 35.33
N CYS A 493 4.61 -21.60 35.93
CA CYS A 493 5.84 -22.34 36.18
C CYS A 493 5.94 -22.92 37.57
N CYS A 494 5.57 -22.15 38.60
CA CYS A 494 5.69 -22.63 39.97
C CYS A 494 4.36 -22.75 40.69
N GLY A 495 3.27 -22.19 40.14
CA GLY A 495 1.98 -22.26 40.78
C GLY A 495 1.71 -21.21 41.84
N GLY A 496 2.66 -20.32 42.12
CA GLY A 496 2.46 -19.32 43.15
C GLY A 496 1.63 -18.15 42.67
N ALA A 497 1.35 -17.24 43.60
CA ALA A 497 0.60 -16.03 43.26
C ALA A 497 1.39 -15.18 42.27
N ALA A 498 0.69 -14.67 41.26
CA ALA A 498 1.33 -13.88 40.21
C ALA A 498 0.30 -12.94 39.59
N LYS A 499 0.78 -12.11 38.66
CA LYS A 499 -0.02 -11.06 38.06
C LYS A 499 0.08 -11.13 36.54
N ARG A 500 -1.06 -11.15 35.85
CA ARG A 500 -1.04 -11.04 34.40
C ARG A 500 -0.53 -9.67 33.96
N GLU A 501 0.18 -9.67 32.83
CA GLU A 501 0.44 -8.43 32.09
C GLU A 501 -0.89 -7.76 31.74
N THR A 502 -0.99 -6.45 31.97
CA THR A 502 -2.24 -5.73 31.74
C THR A 502 -2.23 -4.88 30.48
N ASP A 503 -1.05 -4.55 29.96
CA ASP A 503 -0.97 -3.93 28.64
C ASP A 503 -1.54 -4.89 27.59
N THR A 504 -2.07 -4.30 26.51
CA THR A 504 -2.53 -5.03 25.34
C THR A 504 -1.65 -4.71 24.14
N MET A 505 -1.85 -5.45 23.06
CA MET A 505 -0.98 -5.38 21.88
C MET A 505 -1.38 -4.28 20.92
N ASP A 506 -0.38 -3.74 20.24
CA ASP A 506 -0.59 -2.92 19.05
C ASP A 506 -1.59 -3.59 18.11
N THR A 507 -2.61 -2.82 17.69
CA THR A 507 -3.70 -3.36 16.85
C THR A 507 -3.25 -3.62 15.42
N PHE A 508 -2.10 -3.09 15.02
CA PHE A 508 -1.39 -3.55 13.83
C PHE A 508 -1.11 -5.04 13.84
N ILE A 509 -1.04 -5.67 15.01
CA ILE A 509 -0.76 -7.09 15.05
C ILE A 509 -1.89 -7.89 14.41
N GLU A 510 -3.15 -7.53 14.69
CA GLU A 510 -4.27 -8.25 14.08
C GLU A 510 -4.23 -8.17 12.56
N SER A 511 -3.93 -6.99 12.01
CA SER A 511 -3.90 -6.86 10.56
C SER A 511 -2.61 -7.38 9.94
N SER A 512 -1.69 -7.94 10.72
CA SER A 512 -0.45 -8.43 10.15
C SER A 512 -0.52 -9.90 9.74
N TRP A 513 -1.63 -10.58 10.03
CA TRP A 513 -1.72 -11.97 9.64
C TRP A 513 -3.14 -12.39 9.24
N TYR A 514 -4.11 -11.47 9.19
CA TYR A 514 -5.50 -11.87 8.97
C TYR A 514 -5.70 -12.51 7.60
N PHE A 515 -4.88 -12.15 6.62
CA PHE A 515 -4.99 -12.74 5.29
C PHE A 515 -4.73 -14.24 5.30
N PHE A 516 -3.99 -14.75 6.30
CA PHE A 516 -3.83 -16.20 6.43
C PHE A 516 -5.00 -16.81 7.17
N ARG A 517 -5.50 -16.13 8.20
CA ARG A 517 -6.63 -16.67 8.95
C ARG A 517 -7.84 -16.91 8.05
N TYR A 518 -8.00 -16.08 7.01
CA TYR A 518 -9.08 -16.27 6.05
C TYR A 518 -9.01 -17.62 5.36
N MET A 519 -7.82 -18.21 5.23
CA MET A 519 -7.67 -19.48 4.54
C MET A 519 -8.28 -20.64 5.33
N SER A 520 -8.37 -20.52 6.66
CA SER A 520 -9.03 -21.51 7.51
C SER A 520 -9.52 -20.89 8.81
N PRO A 521 -10.51 -20.00 8.75
CA PRO A 521 -10.88 -19.20 9.93
C PRO A 521 -11.57 -19.98 11.05
N LYS A 522 -11.80 -21.28 10.89
CA LYS A 522 -12.36 -22.12 11.94
C LYS A 522 -11.36 -23.18 12.42
N PHE A 523 -10.11 -23.11 11.97
CA PHE A 523 -9.08 -24.02 12.43
C PHE A 523 -8.71 -23.72 13.89
N SER A 524 -8.73 -24.75 14.74
CA SER A 524 -8.50 -24.57 16.17
C SER A 524 -7.20 -25.24 16.65
N ASP A 525 -6.30 -25.60 15.73
CA ASP A 525 -5.02 -26.18 16.10
C ASP A 525 -3.84 -25.35 15.63
N GLY A 526 -4.08 -24.18 15.04
CA GLY A 526 -2.99 -23.31 14.65
C GLY A 526 -3.52 -22.00 14.10
N MET A 527 -2.58 -21.14 13.73
CA MET A 527 -2.96 -19.88 13.08
C MET A 527 -3.69 -20.15 11.78
N VAL A 528 -3.26 -21.18 11.04
CA VAL A 528 -3.76 -21.49 9.72
C VAL A 528 -3.35 -22.91 9.39
N SER A 529 -4.31 -23.70 8.88
CA SER A 529 -4.05 -25.10 8.61
C SER A 529 -3.02 -25.24 7.49
N ALA A 530 -2.23 -26.32 7.56
CA ALA A 530 -1.24 -26.54 6.51
C ALA A 530 -1.91 -26.76 5.17
N GLU A 531 -3.00 -27.53 5.12
CA GLU A 531 -3.60 -27.85 3.83
C GLU A 531 -4.17 -26.61 3.17
N SER A 532 -4.81 -25.73 3.95
CA SER A 532 -5.39 -24.54 3.35
C SER A 532 -4.31 -23.54 2.96
N ALA A 533 -3.24 -23.44 3.77
CA ALA A 533 -2.12 -22.58 3.42
C ALA A 533 -1.46 -23.05 2.12
N LYS A 534 -1.34 -24.37 1.96
CA LYS A 534 -0.73 -24.90 0.75
C LYS A 534 -1.59 -24.62 -0.47
N TYR A 535 -2.91 -24.62 -0.31
CA TYR A 535 -3.79 -24.37 -1.45
C TYR A 535 -3.83 -22.88 -1.82
N TRP A 536 -4.08 -21.99 -0.86
CA TRP A 536 -4.26 -20.59 -1.24
C TRP A 536 -2.94 -19.85 -1.47
N GLY A 537 -1.82 -20.40 -1.03
CA GLY A 537 -0.51 -19.77 -1.23
C GLY A 537 -0.44 -18.36 -0.66
N ALA A 538 -0.31 -17.39 -1.55
CA ALA A 538 -0.22 -15.98 -1.19
C ALA A 538 -1.43 -15.23 -1.75
N VAL A 539 -1.65 -14.03 -1.23
CA VAL A 539 -2.71 -13.17 -1.75
C VAL A 539 -2.34 -12.75 -3.16
N ASP A 540 -3.23 -13.07 -4.12
CA ASP A 540 -2.94 -12.76 -5.51
C ASP A 540 -3.10 -11.28 -5.82
N GLN A 541 -4.02 -10.61 -5.13
CA GLN A 541 -4.34 -9.21 -5.39
C GLN A 541 -4.79 -8.56 -4.09
N TYR A 542 -4.16 -7.44 -3.74
CA TYR A 542 -4.47 -6.67 -2.53
C TYR A 542 -4.88 -5.26 -2.95
N ILE A 543 -5.94 -4.72 -2.31
CA ILE A 543 -6.55 -3.44 -2.69
C ILE A 543 -6.79 -2.62 -1.42
N GLY A 544 -6.14 -1.46 -1.32
CA GLY A 544 -6.29 -0.61 -0.17
C GLY A 544 -5.49 0.67 -0.34
N GLY A 545 -5.83 1.67 0.47
CA GLY A 545 -5.25 2.99 0.30
C GLY A 545 -3.78 3.04 0.70
N ILE A 546 -3.09 4.05 0.15
CA ILE A 546 -1.65 4.23 0.35
C ILE A 546 -1.30 4.72 1.74
N GLU A 547 -2.29 5.11 2.54
CA GLU A 547 -2.04 5.47 3.94
C GLU A 547 -1.48 4.29 4.74
N HIS A 548 -1.74 3.06 4.30
CA HIS A 548 -1.27 1.86 4.97
C HIS A 548 -0.12 1.20 4.21
N ALA A 549 0.49 1.92 3.28
CA ALA A 549 1.51 1.33 2.42
C ALA A 549 2.86 1.15 3.11
N ILE A 550 3.04 1.64 4.34
CA ILE A 550 4.34 1.49 4.99
C ILE A 550 4.27 0.51 6.15
N LEU A 551 3.77 0.96 7.31
CA LEU A 551 3.81 0.13 8.52
C LEU A 551 3.01 -1.16 8.32
N HIS A 552 1.73 -1.04 7.96
CA HIS A 552 0.92 -2.23 7.75
C HIS A 552 1.61 -3.23 6.83
N LEU A 553 2.03 -2.79 5.65
CA LEU A 553 2.64 -3.70 4.70
C LEU A 553 3.93 -4.31 5.27
N LEU A 554 4.78 -3.46 5.84
CA LEU A 554 6.01 -3.94 6.50
C LEU A 554 5.69 -5.01 7.54
N TYR A 555 4.70 -4.74 8.41
CA TYR A 555 4.35 -5.67 9.46
C TYR A 555 3.77 -6.96 8.90
N ALA A 556 2.88 -6.87 7.91
CA ALA A 556 2.34 -8.06 7.27
C ALA A 556 3.45 -8.89 6.63
N ARG A 557 4.41 -8.23 5.99
CA ARG A 557 5.54 -8.95 5.40
C ARG A 557 6.43 -9.58 6.46
N PHE A 558 6.63 -8.87 7.57
CA PHE A 558 7.39 -9.42 8.69
C PHE A 558 6.73 -10.67 9.23
N PHE A 559 5.43 -10.58 9.57
CA PHE A 559 4.71 -11.73 10.13
C PHE A 559 4.74 -12.92 9.18
N THR A 560 4.66 -12.65 7.87
CA THR A 560 4.68 -13.75 6.90
C THR A 560 5.99 -14.53 7.01
N LYS A 561 7.11 -13.82 7.08
CA LYS A 561 8.39 -14.48 7.26
C LYS A 561 8.46 -15.20 8.59
N LEU A 562 7.90 -14.60 9.65
CA LEU A 562 7.89 -15.25 10.96
C LEU A 562 7.07 -16.53 10.93
N MET A 563 5.91 -16.48 10.28
CA MET A 563 5.05 -17.65 10.22
C MET A 563 5.67 -18.72 9.34
N ARG A 564 6.32 -18.31 8.25
CA ARG A 564 7.07 -19.24 7.41
C ARG A 564 8.17 -19.93 8.21
N ASP A 565 8.96 -19.14 8.93
CA ASP A 565 10.04 -19.71 9.73
C ASP A 565 9.53 -20.64 10.82
N GLU A 566 8.26 -20.53 11.20
CA GLU A 566 7.65 -21.46 12.13
C GLU A 566 7.02 -22.66 11.44
N GLY A 567 7.06 -22.68 10.11
CA GLY A 567 6.50 -23.81 9.39
C GLY A 567 5.01 -23.76 9.20
N LEU A 568 4.39 -22.58 9.33
CA LEU A 568 2.96 -22.44 9.14
C LEU A 568 2.60 -22.17 7.68
N VAL A 569 3.46 -21.47 6.95
CA VAL A 569 3.25 -21.17 5.53
C VAL A 569 4.57 -21.39 4.81
N ASN A 570 4.50 -21.41 3.48
CA ASN A 570 5.69 -21.66 2.66
C ASN A 570 5.87 -20.60 1.57
N VAL A 571 5.30 -19.42 1.76
CA VAL A 571 5.54 -18.28 0.89
C VAL A 571 6.47 -17.33 1.62
N ASP A 572 7.21 -16.54 0.85
CA ASP A 572 8.06 -15.50 1.43
C ASP A 572 7.34 -14.16 1.59
N GLU A 573 6.36 -13.88 0.73
CA GLU A 573 5.73 -12.58 0.66
C GLU A 573 4.21 -12.75 0.65
N PRO A 574 3.47 -11.93 1.38
CA PRO A 574 2.02 -12.14 1.46
C PRO A 574 1.22 -11.69 0.25
N PHE A 575 1.59 -10.59 -0.39
CA PHE A 575 0.76 -9.95 -1.41
C PHE A 575 1.52 -9.87 -2.72
N GLU A 576 1.00 -10.52 -3.76
CA GLU A 576 1.71 -10.50 -5.04
C GLU A 576 1.45 -9.20 -5.81
N ARG A 577 0.20 -8.78 -5.91
CA ARG A 577 -0.12 -7.53 -6.58
C ARG A 577 -0.78 -6.58 -5.60
N LEU A 578 -0.53 -5.29 -5.81
CA LEU A 578 -1.03 -4.28 -4.90
C LEU A 578 -1.71 -3.19 -5.73
N LEU A 579 -2.94 -2.86 -5.34
CA LEU A 579 -3.68 -1.77 -5.99
C LEU A 579 -4.04 -0.75 -4.93
N THR A 580 -3.63 0.48 -5.13
CA THR A 580 -3.89 1.57 -4.20
C THR A 580 -4.96 2.48 -4.78
N GLN A 581 -6.18 2.39 -4.26
CA GLN A 581 -7.23 3.21 -4.86
C GLN A 581 -7.12 4.65 -4.41
N GLY A 582 -7.49 5.56 -5.31
CA GLY A 582 -7.54 6.96 -4.98
C GLY A 582 -8.64 7.26 -3.98
N MET A 583 -8.46 8.36 -3.27
CA MET A 583 -9.43 8.74 -2.26
CA MET A 583 -9.43 8.74 -2.26
C MET A 583 -10.66 9.38 -2.90
N VAL A 584 -11.80 9.19 -2.27
CA VAL A 584 -13.04 9.82 -2.70
C VAL A 584 -13.18 11.12 -1.91
N VAL A 585 -13.51 12.21 -2.59
CA VAL A 585 -13.60 13.52 -1.95
C VAL A 585 -15.01 14.06 -2.11
N CYS A 586 -15.31 15.07 -1.29
CA CYS A 586 -16.65 15.66 -1.29
C CYS A 586 -16.61 17.04 -0.65
N GLU A 587 -17.40 17.95 -1.21
CA GLU A 587 -17.54 19.28 -0.65
C GLU A 587 -18.02 19.22 0.80
N THR A 588 -17.51 20.13 1.62
CA THR A 588 -17.74 20.10 3.05
C THR A 588 -18.63 21.25 3.50
N TYR A 589 -19.26 21.07 4.66
CA TYR A 589 -20.10 22.08 5.29
C TYR A 589 -20.01 21.91 6.80
N TYR A 590 -19.93 23.02 7.53
CA TYR A 590 -19.80 22.96 8.98
C TYR A 590 -20.52 24.16 9.58
N ARG A 591 -20.53 24.23 10.91
CA ARG A 591 -21.14 25.34 11.63
C ARG A 591 -20.38 25.64 12.92
N ILE A 601 -20.90 18.50 9.49
CA ILE A 601 -22.26 18.37 8.97
C ILE A 601 -22.27 17.59 7.64
N ASN A 602 -23.34 16.82 7.43
CA ASN A 602 -23.41 15.97 6.25
C ASN A 602 -24.03 16.73 5.09
N PRO A 603 -23.53 16.55 3.87
CA PRO A 603 -24.16 17.18 2.70
C PRO A 603 -25.57 16.70 2.43
N ALA A 604 -25.94 15.49 2.89
CA ALA A 604 -27.30 15.02 2.69
C ALA A 604 -28.30 15.78 3.57
N ASP A 605 -27.88 16.12 4.80
CA ASP A 605 -28.69 16.96 5.69
C ASP A 605 -28.50 18.44 5.38
N VAL A 606 -28.26 18.78 4.12
CA VAL A 606 -27.95 20.15 3.70
C VAL A 606 -28.59 20.38 2.32
N GLU A 607 -29.05 21.61 2.09
CA GLU A 607 -29.66 21.98 0.82
C GLU A 607 -28.76 22.94 0.06
N LEU A 608 -29.05 23.09 -1.24
CA LEU A 608 -28.25 23.97 -2.10
C LEU A 608 -29.11 24.96 -2.86
N PRO A 627 -28.61 28.71 7.21
CA PRO A 627 -27.55 28.17 6.35
C PRO A 627 -26.28 27.87 7.14
N VAL A 628 -25.40 27.03 6.58
CA VAL A 628 -24.14 26.66 7.21
C VAL A 628 -22.98 27.17 6.35
N VAL A 629 -21.78 26.99 6.86
CA VAL A 629 -20.58 27.47 6.17
C VAL A 629 -20.26 26.50 5.03
N ILE A 630 -20.51 26.93 3.81
CA ILE A 630 -20.11 26.16 2.63
C ILE A 630 -18.63 26.39 2.37
N SER A 631 -17.89 25.30 2.17
CA SER A 631 -16.45 25.40 1.96
C SER A 631 -16.04 24.69 0.68
N GLY A 632 -14.81 24.19 0.63
CA GLY A 632 -14.29 23.52 -0.53
C GLY A 632 -14.43 22.01 -0.45
N THR A 633 -13.77 21.33 -1.37
CA THR A 633 -13.84 19.89 -1.50
C THR A 633 -12.63 19.24 -0.84
N GLU A 634 -12.85 18.18 -0.07
CA GLU A 634 -11.75 17.44 0.53
C GLU A 634 -12.19 16.00 0.74
N LYS A 635 -11.26 15.18 1.21
CA LYS A 635 -11.49 13.74 1.36
C LYS A 635 -12.71 13.48 2.24
N MET A 636 -13.44 12.42 1.89
CA MET A 636 -14.55 11.96 2.71
C MET A 636 -14.02 11.30 3.98
N SER A 637 -14.42 11.84 5.13
CA SER A 637 -14.04 11.24 6.40
C SER A 637 -15.02 11.69 7.46
N LYS A 638 -15.14 10.88 8.51
CA LYS A 638 -16.00 11.21 9.65
C LYS A 638 -15.54 12.47 10.39
N SER A 639 -14.31 12.93 10.18
CA SER A 639 -13.83 14.12 10.86
C SER A 639 -14.62 15.36 10.44
N LYS A 640 -14.77 15.57 9.14
CA LYS A 640 -15.52 16.72 8.65
C LYS A 640 -16.97 16.38 8.34
N ASN A 641 -17.38 15.13 8.56
CA ASN A 641 -18.73 14.65 8.26
C ASN A 641 -19.09 14.86 6.79
N ASN A 642 -18.09 14.72 5.92
CA ASN A 642 -18.27 14.91 4.49
C ASN A 642 -18.58 13.61 3.76
N GLY A 643 -18.77 12.51 4.50
CA GLY A 643 -19.00 11.22 3.89
C GLY A 643 -20.43 10.97 3.50
N VAL A 644 -20.67 10.74 2.21
CA VAL A 644 -22.01 10.41 1.75
C VAL A 644 -22.33 8.98 2.17
N ASP A 645 -23.41 8.81 2.91
CA ASP A 645 -23.83 7.51 3.37
C ASP A 645 -24.29 6.69 2.17
N PRO A 646 -23.64 5.58 1.85
CA PRO A 646 -24.07 4.78 0.70
C PRO A 646 -25.46 4.19 0.87
N GLN A 647 -25.93 4.00 2.10
CA GLN A 647 -27.27 3.45 2.28
C GLN A 647 -28.32 4.40 1.72
N GLU A 648 -28.11 5.71 1.88
CA GLU A 648 -29.00 6.66 1.22
C GLU A 648 -28.83 6.64 -0.29
N LEU A 649 -27.63 6.33 -0.76
CA LEU A 649 -27.43 6.22 -2.20
C LEU A 649 -28.12 4.99 -2.77
N ILE A 650 -28.04 3.86 -2.05
CA ILE A 650 -28.69 2.63 -2.49
C ILE A 650 -30.22 2.77 -2.44
N ASN A 651 -30.76 3.31 -1.33
CA ASN A 651 -32.21 3.53 -1.27
C ASN A 651 -32.69 4.44 -2.40
N ALA A 652 -31.85 5.40 -2.82
CA ALA A 652 -32.27 6.34 -3.85
C ALA A 652 -32.09 5.80 -5.27
N TYR A 653 -30.96 5.11 -5.55
CA TYR A 653 -30.67 4.75 -6.94
C TYR A 653 -30.37 3.27 -7.14
N GLY A 654 -29.90 2.58 -6.12
CA GLY A 654 -29.59 1.17 -6.27
C GLY A 654 -28.10 0.91 -6.15
N ALA A 655 -27.78 -0.34 -5.77
CA ALA A 655 -26.40 -0.77 -5.63
C ALA A 655 -25.62 -0.65 -6.94
N ASP A 656 -26.22 -1.05 -8.06
CA ASP A 656 -25.53 -1.01 -9.34
C ASP A 656 -25.21 0.44 -9.74
N THR A 657 -26.10 1.37 -9.45
CA THR A 657 -25.78 2.77 -9.74
C THR A 657 -24.61 3.25 -8.87
N ALA A 658 -24.56 2.79 -7.62
CA ALA A 658 -23.43 3.19 -6.77
C ALA A 658 -22.13 2.61 -7.31
N ARG A 659 -22.13 1.32 -7.65
CA ARG A 659 -20.90 0.69 -8.14
C ARG A 659 -20.46 1.29 -9.46
N LEU A 660 -21.41 1.52 -10.37
CA LEU A 660 -21.06 2.05 -11.68
C LEU A 660 -20.47 3.45 -11.58
N PHE A 661 -21.06 4.32 -10.75
CA PHE A 661 -20.52 5.66 -10.58
C PHE A 661 -19.08 5.61 -10.12
N MET A 662 -18.80 4.80 -9.10
CA MET A 662 -17.43 4.70 -8.57
C MET A 662 -16.45 4.23 -9.64
N MET A 663 -16.81 3.16 -10.35
CA MET A 663 -15.87 2.62 -11.32
C MET A 663 -15.71 3.50 -12.55
N PHE A 664 -16.70 4.33 -12.86
CA PHE A 664 -16.70 5.11 -14.10
C PHE A 664 -16.12 6.50 -13.94
N ALA A 665 -16.26 7.12 -12.75
CA ALA A 665 -15.90 8.52 -12.56
C ALA A 665 -14.42 8.78 -12.83
N ALA A 666 -13.54 7.87 -12.45
CA ALA A 666 -12.11 8.10 -12.57
C ALA A 666 -11.38 6.77 -12.56
N PRO A 667 -10.19 6.71 -13.15
CA PRO A 667 -9.30 5.56 -12.90
C PRO A 667 -9.21 5.26 -11.43
N PRO A 668 -9.07 3.99 -11.06
CA PRO A 668 -9.12 3.64 -9.63
C PRO A 668 -8.06 4.32 -8.78
N GLU A 669 -6.86 4.56 -9.31
CA GLU A 669 -5.83 5.25 -8.53
C GLU A 669 -6.11 6.75 -8.38
N GLN A 670 -6.87 7.34 -9.30
CA GLN A 670 -7.08 8.78 -9.28
C GLN A 670 -8.15 9.13 -8.24
N SER A 671 -8.08 10.35 -7.73
CA SER A 671 -9.06 10.79 -6.74
C SER A 671 -10.43 10.97 -7.40
N LEU A 672 -11.48 10.69 -6.62
CA LEU A 672 -12.84 10.63 -7.10
C LEU A 672 -13.67 11.67 -6.36
N GLU A 673 -14.29 12.57 -7.10
CA GLU A 673 -15.11 13.63 -6.53
C GLU A 673 -16.57 13.20 -6.50
N TRP A 674 -17.22 13.38 -5.36
CA TRP A 674 -18.64 13.07 -5.31
C TRP A 674 -19.40 14.01 -6.23
N SER A 675 -20.41 13.48 -6.92
CA SER A 675 -21.14 14.27 -7.89
C SER A 675 -22.55 13.71 -8.01
N ASP A 676 -23.55 14.54 -7.74
CA ASP A 676 -24.92 14.13 -8.03
C ASP A 676 -25.10 13.93 -9.52
N SER A 677 -24.34 14.67 -10.32
CA SER A 677 -24.41 14.50 -11.77
C SER A 677 -23.89 13.11 -12.18
N GLY A 678 -22.75 12.70 -11.63
CA GLY A 678 -22.21 11.40 -11.97
C GLY A 678 -23.12 10.27 -11.54
N VAL A 679 -23.80 10.43 -10.40
CA VAL A 679 -24.74 9.40 -9.97
C VAL A 679 -25.90 9.29 -10.96
N GLU A 680 -26.44 10.43 -11.39
CA GLU A 680 -27.58 10.40 -12.31
C GLU A 680 -27.18 9.82 -13.66
N GLY A 681 -26.03 10.24 -14.20
CA GLY A 681 -25.57 9.70 -15.46
C GLY A 681 -25.39 8.20 -15.42
N ALA A 682 -24.84 7.69 -14.32
CA ALA A 682 -24.70 6.24 -14.20
C ALA A 682 -26.06 5.56 -14.18
N HIS A 683 -27.02 6.16 -13.48
CA HIS A 683 -28.35 5.56 -13.42
C HIS A 683 -29.00 5.53 -14.79
N ARG A 684 -28.83 6.61 -15.56
CA ARG A 684 -29.40 6.64 -16.90
C ARG A 684 -28.79 5.57 -17.79
N PHE A 685 -27.51 5.25 -17.58
CA PHE A 685 -26.90 4.21 -18.41
C PHE A 685 -27.49 2.84 -18.08
N LEU A 686 -27.80 2.58 -16.80
CA LEU A 686 -28.43 1.32 -16.47
C LEU A 686 -29.84 1.25 -17.04
N ARG A 687 -30.54 2.38 -17.06
CA ARG A 687 -31.84 2.42 -17.73
C ARG A 687 -31.68 2.14 -19.22
N ARG A 688 -30.68 2.76 -19.85
CA ARG A 688 -30.38 2.49 -21.25
C ARG A 688 -30.06 1.02 -21.48
N LEU A 689 -29.23 0.42 -20.62
CA LEU A 689 -28.92 -0.99 -20.75
C LEU A 689 -30.18 -1.84 -20.64
N TRP A 690 -31.02 -1.57 -19.65
CA TRP A 690 -32.28 -2.30 -19.50
C TRP A 690 -33.15 -2.12 -20.73
N ARG A 691 -33.32 -0.88 -21.20
CA ARG A 691 -34.19 -0.61 -22.33
C ARG A 691 -33.69 -1.31 -23.59
N THR A 692 -32.37 -1.38 -23.75
CA THR A 692 -31.79 -1.99 -24.93
C THR A 692 -32.17 -3.47 -25.02
N VAL A 693 -32.04 -4.19 -23.91
CA VAL A 693 -32.37 -5.62 -23.94
C VAL A 693 -33.87 -5.82 -24.09
N TYR A 694 -34.67 -4.96 -23.44
CA TYR A 694 -36.11 -5.11 -23.51
C TYR A 694 -36.61 -4.87 -24.92
N GLU A 695 -36.15 -3.79 -25.56
CA GLU A 695 -36.60 -3.51 -26.92
C GLU A 695 -36.12 -4.59 -27.89
N TYR A 696 -34.98 -5.21 -27.63
CA TYR A 696 -34.53 -6.30 -28.50
C TYR A 696 -35.41 -7.53 -28.34
N LEU A 697 -35.78 -7.85 -27.10
CA LEU A 697 -36.55 -9.06 -26.86
C LEU A 697 -38.01 -8.90 -27.27
N LYS A 698 -38.53 -7.68 -27.28
CA LYS A 698 -39.92 -7.54 -27.68
C LYS A 698 -40.09 -7.58 -29.20
N GLN A 699 -39.01 -7.55 -29.98
CA GLN A 699 -39.08 -7.54 -31.43
C GLN A 699 -38.84 -8.90 -32.04
N GLY A 700 -38.91 -9.97 -31.26
CA GLY A 700 -38.76 -11.31 -31.78
C GLY A 700 -38.32 -12.36 -30.79
N GLY A 701 -38.03 -11.96 -29.56
CA GLY A 701 -37.58 -12.91 -28.56
C GLY A 701 -36.16 -13.37 -28.80
N ALA A 702 -35.67 -14.18 -27.87
CA ALA A 702 -34.29 -14.60 -27.89
C ALA A 702 -34.03 -15.58 -29.02
N VAL A 703 -32.82 -15.53 -29.57
CA VAL A 703 -32.38 -16.44 -30.63
C VAL A 703 -30.98 -16.93 -30.29
N LYS A 704 -30.50 -17.88 -31.09
CA LYS A 704 -29.14 -18.35 -30.92
C LYS A 704 -28.17 -17.25 -31.31
N ALA A 705 -27.21 -16.96 -30.44
CA ALA A 705 -26.23 -15.93 -30.76
C ALA A 705 -25.43 -16.34 -31.97
N PHE A 706 -25.12 -15.36 -32.83
CA PHE A 706 -24.27 -15.61 -33.99
C PHE A 706 -22.94 -16.21 -33.56
N ALA A 707 -22.48 -17.20 -34.33
CA ALA A 707 -21.18 -17.83 -34.11
C ALA A 707 -20.72 -18.46 -35.42
N GLY A 708 -19.40 -18.62 -35.53
CA GLY A 708 -18.81 -19.29 -36.67
C GLY A 708 -18.35 -18.33 -37.75
N ASN A 709 -18.20 -18.89 -38.96
CA ASN A 709 -17.80 -18.11 -40.12
C ASN A 709 -18.78 -16.99 -40.41
N GLN A 710 -18.26 -15.79 -40.60
CA GLN A 710 -19.06 -14.60 -40.86
C GLN A 710 -18.99 -14.15 -42.31
N ASP A 711 -18.40 -14.94 -43.18
CA ASP A 711 -18.49 -14.65 -44.61
C ASP A 711 -19.94 -14.76 -45.03
N GLY A 712 -20.39 -13.78 -45.80
CA GLY A 712 -21.78 -13.69 -46.15
C GLY A 712 -22.57 -12.69 -45.32
N LEU A 713 -22.07 -12.33 -44.13
CA LEU A 713 -22.68 -11.26 -43.36
C LEU A 713 -22.52 -9.93 -44.09
N SER A 714 -23.47 -9.03 -43.87
CA SER A 714 -23.38 -7.73 -44.50
C SER A 714 -22.24 -6.91 -43.88
N LYS A 715 -21.79 -5.92 -44.64
CA LYS A 715 -20.74 -5.01 -44.18
C LYS A 715 -21.07 -4.44 -42.81
N GLU A 716 -22.31 -3.97 -42.61
CA GLU A 716 -22.69 -3.38 -41.33
C GLU A 716 -22.64 -4.39 -40.20
N LEU A 717 -23.06 -5.63 -40.45
CA LEU A 717 -22.98 -6.62 -39.37
C LEU A 717 -21.55 -7.10 -39.15
N LYS A 718 -20.73 -7.20 -40.20
CA LYS A 718 -19.32 -7.51 -39.98
C LYS A 718 -18.66 -6.44 -39.11
N ASP A 719 -18.97 -5.16 -39.38
CA ASP A 719 -18.39 -4.07 -38.60
C ASP A 719 -18.84 -4.11 -37.15
N LEU A 720 -20.11 -4.43 -36.91
CA LEU A 720 -20.58 -4.58 -35.54
C LEU A 720 -19.87 -5.72 -34.83
N ARG A 721 -19.65 -6.85 -35.52
CA ARG A 721 -18.92 -7.94 -34.90
C ARG A 721 -17.47 -7.55 -34.63
N HIS A 722 -16.89 -6.76 -35.53
CA HIS A 722 -15.55 -6.23 -35.29
C HIS A 722 -15.54 -5.36 -34.05
N LYS A 723 -16.49 -4.42 -33.96
CA LYS A 723 -16.63 -3.61 -32.74
C LYS A 723 -16.83 -4.48 -31.52
N LEU A 724 -17.57 -5.58 -31.67
CA LEU A 724 -17.88 -6.43 -30.53
C LEU A 724 -16.62 -7.09 -29.99
N HIS A 725 -15.88 -7.76 -30.86
CA HIS A 725 -14.74 -8.52 -30.40
C HIS A 725 -13.55 -7.63 -30.10
N SER A 726 -13.47 -6.46 -30.74
CA SER A 726 -12.49 -5.46 -30.31
C SER A 726 -12.81 -4.97 -28.90
N THR A 727 -14.11 -4.85 -28.58
CA THR A 727 -14.49 -4.42 -27.24
C THR A 727 -14.18 -5.51 -26.22
N THR A 728 -14.44 -6.76 -26.56
CA THR A 728 -14.13 -7.86 -25.65
C THR A 728 -12.63 -7.89 -25.33
N ALA A 729 -11.78 -7.77 -26.35
CA ALA A 729 -10.34 -7.76 -26.09
C ALA A 729 -9.96 -6.57 -25.22
N LYS A 730 -10.58 -5.41 -25.48
CA LYS A 730 -10.23 -4.19 -24.74
C LYS A 730 -10.67 -4.28 -23.29
N VAL A 731 -11.87 -4.82 -23.03
CA VAL A 731 -12.34 -4.93 -21.65
C VAL A 731 -11.56 -6.00 -20.90
N SER A 732 -11.21 -7.09 -21.58
CA SER A 732 -10.39 -8.13 -20.97
C SER A 732 -9.03 -7.60 -20.54
N ASP A 733 -8.43 -6.76 -21.38
CA ASP A 733 -7.14 -6.18 -21.04
C ASP A 733 -7.27 -5.13 -19.95
N ASP A 734 -8.36 -4.37 -19.96
CA ASP A 734 -8.56 -3.35 -18.92
C ASP A 734 -8.82 -3.96 -17.55
N TYR A 735 -9.50 -5.11 -17.49
CA TYR A 735 -9.75 -5.77 -16.19
C TYR A 735 -8.52 -6.51 -15.70
N GLY A 736 -7.88 -7.29 -16.58
CA GLY A 736 -6.82 -8.20 -16.19
C GLY A 736 -5.44 -7.59 -16.09
N ARG A 737 -5.04 -6.79 -17.08
CA ARG A 737 -3.70 -6.23 -17.11
C ARG A 737 -3.64 -4.81 -16.55
N ARG A 738 -4.41 -3.88 -17.13
CA ARG A 738 -4.28 -2.48 -16.76
C ARG A 738 -5.07 -2.11 -15.51
N GLN A 739 -6.10 -2.88 -15.16
CA GLN A 739 -6.95 -2.60 -14.00
C GLN A 739 -7.52 -1.19 -14.05
N GLN A 740 -7.86 -0.75 -15.25
CA GLN A 740 -8.56 0.52 -15.50
C GLN A 740 -10.01 0.19 -15.80
N PHE A 741 -10.88 0.44 -14.85
CA PHE A 741 -12.28 0.06 -15.03
C PHE A 741 -13.10 1.12 -15.72
N ASN A 742 -12.70 2.39 -15.64
CA ASN A 742 -13.51 3.44 -16.26
C ASN A 742 -13.45 3.34 -17.78
N THR A 743 -12.28 3.03 -18.33
CA THR A 743 -12.15 2.85 -19.77
C THR A 743 -12.84 1.59 -20.25
N ALA A 744 -12.94 0.56 -19.41
CA ALA A 744 -13.64 -0.65 -19.81
C ALA A 744 -15.13 -0.39 -19.99
N ILE A 745 -15.73 0.41 -19.09
CA ILE A 745 -17.11 0.83 -19.24
C ILE A 745 -17.29 1.67 -20.50
N ALA A 746 -16.38 2.62 -20.74
CA ALA A 746 -16.46 3.45 -21.93
C ALA A 746 -16.40 2.62 -23.20
N ALA A 747 -15.65 1.52 -23.19
CA ALA A 747 -15.57 0.67 -24.38
C ALA A 747 -16.89 -0.04 -24.63
N VAL A 748 -17.55 -0.51 -23.58
CA VAL A 748 -18.84 -1.16 -23.75
C VAL A 748 -19.89 -0.14 -24.18
N MET A 749 -19.76 1.10 -23.71
CA MET A 749 -20.67 2.15 -24.16
C MET A 749 -20.52 2.39 -25.65
N GLU A 750 -19.28 2.38 -26.16
CA GLU A 750 -19.08 2.58 -27.59
C GLU A 750 -19.67 1.43 -28.39
N LEU A 751 -19.49 0.19 -27.89
CA LEU A 751 -20.10 -0.96 -28.56
C LEU A 751 -21.61 -0.77 -28.67
N LEU A 752 -22.23 -0.34 -27.58
CA LEU A 752 -23.67 -0.10 -27.61
C LEU A 752 -24.03 1.03 -28.56
N ASN A 753 -23.17 2.06 -28.64
CA ASN A 753 -23.43 3.13 -29.59
C ASN A 753 -23.47 2.60 -31.01
N GLN A 754 -22.52 1.74 -31.37
CA GLN A 754 -22.51 1.20 -32.73
C GLN A 754 -23.68 0.24 -32.94
N TYR A 755 -24.03 -0.54 -31.91
CA TYR A 755 -25.23 -1.35 -31.95
C TYR A 755 -26.46 -0.50 -32.29
N ASP A 756 -26.64 0.62 -31.60
CA ASP A 756 -27.81 1.48 -31.83
C ASP A 756 -27.88 2.00 -33.26
N LYS A 757 -26.73 2.11 -33.93
CA LYS A 757 -26.71 2.61 -35.30
C LYS A 757 -26.71 1.49 -36.33
N THR A 758 -26.93 0.25 -35.93
CA THR A 758 -26.93 -0.86 -36.86
C THR A 758 -28.33 -1.45 -37.02
N ASP A 759 -28.71 -1.72 -38.27
CA ASP A 759 -29.96 -2.43 -38.55
C ASP A 759 -29.76 -3.91 -38.23
N THR A 760 -30.37 -4.36 -37.13
CA THR A 760 -30.24 -5.75 -36.71
C THR A 760 -31.56 -6.50 -36.78
N GLY A 761 -32.48 -6.05 -37.65
CA GLY A 761 -33.79 -6.66 -37.75
C GLY A 761 -33.88 -7.95 -38.55
N SER A 762 -32.90 -8.23 -39.42
CA SER A 762 -32.96 -9.46 -40.21
C SER A 762 -32.60 -10.68 -39.35
N GLU A 763 -32.75 -11.87 -39.94
CA GLU A 763 -32.38 -13.11 -39.26
C GLU A 763 -30.92 -13.07 -38.80
N GLN A 764 -29.99 -12.84 -39.73
CA GLN A 764 -28.60 -12.68 -39.33
C GLN A 764 -28.42 -11.48 -38.43
N GLY A 765 -29.20 -10.42 -38.66
CA GLY A 765 -29.12 -9.24 -37.81
C GLY A 765 -29.47 -9.55 -36.37
N ARG A 766 -30.56 -10.30 -36.16
CA ARG A 766 -30.96 -10.65 -34.80
C ARG A 766 -29.89 -11.51 -34.13
N ALA A 767 -29.30 -12.45 -34.88
CA ALA A 767 -28.29 -13.34 -34.31
C ALA A 767 -27.08 -12.54 -33.82
N VAL A 768 -26.67 -11.53 -34.57
CA VAL A 768 -25.55 -10.68 -34.14
C VAL A 768 -25.94 -9.83 -32.95
N ALA A 769 -27.17 -9.28 -32.97
CA ALA A 769 -27.65 -8.54 -31.80
C ALA A 769 -27.63 -9.41 -30.56
N GLN A 770 -28.10 -10.66 -30.67
CA GLN A 770 -28.03 -11.58 -29.54
C GLN A 770 -26.57 -11.74 -29.06
N GLU A 771 -25.64 -11.89 -29.99
CA GLU A 771 -24.23 -12.03 -29.62
C GLU A 771 -23.71 -10.77 -28.95
N VAL A 772 -24.05 -9.60 -29.49
CA VAL A 772 -23.61 -8.35 -28.86
C VAL A 772 -24.17 -8.23 -27.45
N LEU A 773 -25.48 -8.46 -27.29
CA LEU A 773 -26.08 -8.28 -25.97
C LEU A 773 -25.63 -9.33 -24.99
N GLU A 774 -25.39 -10.56 -25.45
CA GLU A 774 -24.89 -11.57 -24.52
C GLU A 774 -23.50 -11.24 -24.05
N ALA A 775 -22.72 -10.54 -24.87
CA ALA A 775 -21.36 -10.20 -24.48
C ALA A 775 -21.35 -8.97 -23.58
N ALA A 776 -22.10 -7.93 -23.99
CA ALA A 776 -22.19 -6.72 -23.18
C ALA A 776 -22.62 -7.01 -21.75
N VAL A 777 -23.58 -7.91 -21.56
CA VAL A 777 -24.03 -8.11 -20.18
C VAL A 777 -22.97 -8.87 -19.40
N ARG A 778 -22.23 -9.76 -20.05
CA ARG A 778 -21.17 -10.46 -19.32
C ARG A 778 -19.97 -9.56 -19.08
N LEU A 779 -19.62 -8.71 -20.05
CA LEU A 779 -18.50 -7.79 -19.89
C LEU A 779 -18.73 -6.83 -18.71
N LEU A 780 -19.98 -6.42 -18.48
CA LEU A 780 -20.31 -5.48 -17.41
C LEU A 780 -20.68 -6.17 -16.10
N TRP A 781 -20.88 -7.48 -16.12
CA TRP A 781 -21.27 -8.19 -14.90
C TRP A 781 -20.35 -7.92 -13.71
N PRO A 782 -19.03 -7.85 -13.85
CA PRO A 782 -18.22 -7.54 -12.65
C PRO A 782 -18.48 -6.17 -12.07
N ILE A 783 -18.92 -5.21 -12.87
CA ILE A 783 -19.17 -3.87 -12.36
C ILE A 783 -20.60 -3.73 -11.85
N VAL A 784 -21.58 -4.23 -12.58
CA VAL A 784 -22.97 -4.09 -12.17
C VAL A 784 -23.65 -5.45 -12.25
N PRO A 785 -23.29 -6.39 -11.37
CA PRO A 785 -23.75 -7.78 -11.53
C PRO A 785 -25.25 -7.97 -11.34
N HIS A 786 -25.94 -7.07 -10.64
CA HIS A 786 -27.36 -7.29 -10.38
C HIS A 786 -28.18 -7.17 -11.66
N ILE A 787 -28.04 -6.05 -12.36
CA ILE A 787 -28.76 -5.85 -13.60
C ILE A 787 -28.27 -6.82 -14.67
N CYS A 788 -26.98 -7.17 -14.68
CA CYS A 788 -26.48 -8.05 -15.73
C CYS A 788 -26.96 -9.47 -15.53
N GLU A 789 -26.95 -9.96 -14.29
CA GLU A 789 -27.52 -11.27 -14.00
C GLU A 789 -28.97 -11.34 -14.47
N THR A 790 -29.75 -10.29 -14.21
CA THR A 790 -31.16 -10.32 -14.58
C THR A 790 -31.34 -10.25 -16.08
N LEU A 791 -30.60 -9.36 -16.75
CA LEU A 791 -30.71 -9.25 -18.20
C LEU A 791 -30.26 -10.53 -18.88
N TRP A 792 -29.18 -11.15 -18.38
CA TRP A 792 -28.67 -12.38 -18.96
C TRP A 792 -29.74 -13.46 -19.00
N SER A 793 -30.42 -13.68 -17.87
CA SER A 793 -31.47 -14.69 -17.79
C SER A 793 -32.64 -14.41 -18.73
N GLU A 794 -32.86 -13.15 -19.12
CA GLU A 794 -33.84 -12.86 -20.16
C GLU A 794 -33.33 -13.18 -21.56
N LEU A 795 -32.01 -13.23 -21.76
CA LEU A 795 -31.41 -13.50 -23.08
C LEU A 795 -31.11 -14.97 -23.31
N ASN A 796 -30.65 -15.67 -22.27
CA ASN A 796 -30.07 -17.00 -22.41
C ASN A 796 -30.43 -17.82 -21.18
N GLY A 797 -30.64 -19.12 -21.38
CA GLY A 797 -31.10 -19.98 -20.31
C GLY A 797 -30.03 -20.66 -19.50
N ALA A 798 -28.77 -20.48 -19.85
CA ALA A 798 -27.66 -21.10 -19.15
C ALA A 798 -27.21 -20.23 -17.98
N LYS A 799 -26.48 -20.84 -17.05
CA LYS A 799 -25.94 -20.08 -15.92
C LYS A 799 -24.86 -19.15 -16.43
N LEU A 800 -24.95 -17.87 -16.04
CA LEU A 800 -24.00 -16.88 -16.54
C LEU A 800 -22.57 -17.25 -16.18
N TRP A 801 -22.34 -17.79 -14.97
CA TRP A 801 -20.99 -18.17 -14.58
C TRP A 801 -20.51 -19.42 -15.32
N GLU A 802 -21.43 -20.26 -15.77
CA GLU A 802 -21.03 -21.41 -16.60
C GLU A 802 -20.70 -20.98 -18.02
N ALA A 803 -21.43 -19.99 -18.55
CA ALA A 803 -21.15 -19.49 -19.89
C ALA A 803 -19.77 -18.84 -19.95
N GLY A 804 -19.36 -18.17 -18.89
CA GLY A 804 -17.99 -17.72 -18.77
C GLY A 804 -17.73 -16.38 -19.42
N TRP A 805 -16.50 -15.92 -19.23
CA TRP A 805 -16.04 -14.66 -19.80
C TRP A 805 -16.08 -14.73 -21.31
N PRO A 806 -16.56 -13.69 -22.00
CA PRO A 806 -16.68 -13.76 -23.46
C PRO A 806 -15.33 -13.97 -24.13
N THR A 807 -15.33 -14.80 -25.18
CA THR A 807 -14.13 -15.07 -25.94
C THR A 807 -14.01 -14.10 -27.12
N VAL A 808 -12.79 -13.89 -27.57
CA VAL A 808 -12.51 -13.07 -28.73
C VAL A 808 -12.52 -13.96 -29.97
N ASP A 809 -13.30 -13.57 -30.97
CA ASP A 809 -13.35 -14.25 -32.26
C ASP A 809 -12.41 -13.52 -33.19
N GLU A 810 -11.20 -14.06 -33.36
CA GLU A 810 -10.17 -13.35 -34.11
C GLU A 810 -10.56 -13.15 -35.57
N ALA A 811 -11.33 -14.09 -36.14
CA ALA A 811 -11.83 -13.90 -37.50
C ALA A 811 -12.65 -12.62 -37.63
N ALA A 812 -13.36 -12.22 -36.56
CA ALA A 812 -14.18 -11.01 -36.64
C ALA A 812 -13.33 -9.75 -36.71
N LEU A 813 -12.05 -9.84 -36.39
CA LEU A 813 -11.17 -8.70 -36.43
C LEU A 813 -10.48 -8.51 -37.79
N VAL A 814 -10.62 -9.46 -38.70
CA VAL A 814 -9.98 -9.37 -40.01
C VAL A 814 -10.90 -8.60 -40.96
N LYS A 815 -10.41 -7.50 -41.50
CA LYS A 815 -11.18 -6.72 -42.46
C LYS A 815 -10.90 -7.22 -43.88
N SER A 816 -11.74 -6.79 -44.82
CA SER A 816 -11.64 -7.27 -46.19
C SER A 816 -10.39 -6.74 -46.88
N GLU A 817 -9.96 -7.44 -47.92
CA GLU A 817 -8.76 -7.08 -48.67
C GLU A 817 -9.10 -6.10 -49.79
N ILE A 818 -8.13 -5.23 -50.08
CA ILE A 818 -8.28 -4.17 -51.08
C ILE A 818 -7.55 -4.59 -52.36
N GLU A 819 -8.11 -4.24 -53.51
CA GLU A 819 -7.47 -4.45 -54.80
C GLU A 819 -6.84 -3.13 -55.26
N VAL A 820 -5.53 -3.14 -55.47
CA VAL A 820 -4.77 -1.95 -55.84
C VAL A 820 -4.30 -2.12 -57.29
N MET A 821 -4.43 -1.04 -58.07
CA MET A 821 -3.98 -1.04 -59.46
C MET A 821 -2.49 -0.71 -59.53
N VAL A 822 -1.75 -1.48 -60.32
CA VAL A 822 -0.31 -1.28 -60.50
C VAL A 822 -0.10 -0.56 -61.82
N GLN A 823 0.65 0.55 -61.79
CA GLN A 823 0.94 1.34 -62.98
C GLN A 823 2.44 1.53 -63.13
N VAL A 824 2.92 1.41 -64.37
CA VAL A 824 4.31 1.66 -64.72
C VAL A 824 4.33 2.94 -65.55
N ASN A 825 4.86 4.02 -64.96
CA ASN A 825 4.91 5.34 -65.61
C ASN A 825 3.52 5.84 -65.97
N GLY A 826 2.54 5.56 -65.10
CA GLY A 826 1.17 6.00 -65.31
C GLY A 826 0.32 5.08 -66.16
N LYS A 827 0.91 4.10 -66.84
CA LYS A 827 0.16 3.18 -67.68
C LYS A 827 -0.26 1.96 -66.87
N LEU A 828 -1.55 1.63 -66.90
CA LEU A 828 -2.06 0.49 -66.14
C LEU A 828 -1.45 -0.80 -66.67
N ARG A 829 -0.73 -1.51 -65.79
CA ARG A 829 -0.03 -2.73 -66.17
C ARG A 829 -0.46 -3.97 -65.40
N GLY A 830 -1.09 -3.81 -64.24
CA GLY A 830 -1.50 -4.97 -63.49
C GLY A 830 -2.38 -4.59 -62.31
N LYS A 831 -2.64 -5.58 -61.48
CA LYS A 831 -3.48 -5.41 -60.31
C LYS A 831 -2.96 -6.34 -59.20
N ILE A 832 -2.98 -5.84 -57.96
CA ILE A 832 -2.55 -6.59 -56.80
C ILE A 832 -3.68 -6.58 -55.76
N THR A 833 -3.72 -7.63 -54.95
CA THR A 833 -4.69 -7.77 -53.87
C THR A 833 -3.92 -7.71 -52.55
N VAL A 834 -4.07 -6.59 -51.85
CA VAL A 834 -3.31 -6.33 -50.64
C VAL A 834 -4.24 -6.41 -49.43
N ALA A 835 -3.64 -6.51 -48.25
CA ALA A 835 -4.43 -6.47 -47.03
C ALA A 835 -4.86 -5.03 -46.72
N ALA A 836 -5.94 -4.91 -45.94
CA ALA A 836 -6.40 -3.60 -45.49
C ALA A 836 -5.45 -2.98 -44.47
N ASP A 837 -4.46 -3.71 -43.98
CA ASP A 837 -3.46 -3.19 -43.05
C ASP A 837 -2.07 -3.20 -43.66
N ALA A 838 -1.97 -3.33 -44.99
CA ALA A 838 -0.67 -3.35 -45.65
C ALA A 838 -0.04 -1.97 -45.63
N SER A 839 1.28 -1.94 -45.39
CA SER A 839 2.02 -0.70 -45.32
C SER A 839 2.30 -0.16 -46.73
N LYS A 840 3.07 0.92 -46.79
CA LYS A 840 3.48 1.44 -48.09
C LYS A 840 4.57 0.58 -48.70
N ALA A 841 5.33 -0.12 -47.87
CA ALA A 841 6.36 -1.05 -48.35
C ALA A 841 5.75 -2.35 -48.86
N ASP A 842 4.65 -2.81 -48.24
CA ASP A 842 3.95 -3.99 -48.74
C ASP A 842 3.29 -3.71 -50.09
N LEU A 843 2.77 -2.49 -50.28
CA LEU A 843 2.22 -2.12 -51.59
C LEU A 843 3.32 -1.99 -52.63
N GLU A 844 4.47 -1.42 -52.25
CA GLU A 844 5.61 -1.33 -53.16
C GLU A 844 6.13 -2.72 -53.51
N ALA A 845 6.22 -3.61 -52.52
CA ALA A 845 6.71 -4.97 -52.77
C ALA A 845 5.76 -5.73 -53.68
N ALA A 846 4.46 -5.65 -53.43
CA ALA A 846 3.50 -6.35 -54.26
C ALA A 846 3.43 -5.77 -55.67
N ALA A 847 3.63 -4.45 -55.81
CA ALA A 847 3.61 -3.83 -57.13
C ALA A 847 4.83 -4.21 -57.94
N LEU A 848 6.01 -4.24 -57.31
CA LEU A 848 7.22 -4.64 -58.02
C LEU A 848 7.23 -6.12 -58.39
N ALA A 849 6.40 -6.93 -57.72
CA ALA A 849 6.33 -8.36 -58.00
C ALA A 849 5.24 -8.73 -58.99
N ASN A 850 4.35 -7.80 -59.33
CA ASN A 850 3.30 -8.09 -60.29
C ASN A 850 3.90 -8.36 -61.67
N GLU A 851 3.32 -9.35 -62.36
CA GLU A 851 3.86 -9.78 -63.65
C GLU A 851 3.72 -8.68 -64.71
N GLY A 852 2.56 -8.02 -64.75
CA GLY A 852 2.37 -6.96 -65.73
C GLY A 852 3.30 -5.78 -65.55
N ALA A 853 3.69 -5.51 -64.30
CA ALA A 853 4.64 -4.43 -64.04
C ALA A 853 6.06 -4.85 -64.39
N VAL A 854 6.44 -6.08 -64.07
CA VAL A 854 7.80 -6.54 -64.33
C VAL A 854 8.08 -6.64 -65.82
N LYS A 855 7.04 -6.83 -66.64
CA LYS A 855 7.23 -6.90 -68.09
C LYS A 855 7.42 -5.51 -68.70
N PHE A 856 6.68 -4.52 -68.21
CA PHE A 856 6.78 -3.16 -68.73
C PHE A 856 7.94 -2.37 -68.12
N MET A 857 8.65 -2.92 -67.13
CA MET A 857 9.80 -2.24 -66.55
C MET A 857 11.09 -2.45 -67.34
N GLU A 858 11.12 -3.42 -68.26
CA GLU A 858 12.26 -3.63 -69.15
C GLU A 858 13.57 -3.83 -68.37
N GLY A 859 13.49 -4.42 -67.18
CA GLY A 859 14.65 -4.63 -66.35
C GLY A 859 15.27 -3.37 -65.77
N LYS A 860 14.75 -2.20 -66.10
CA LYS A 860 15.30 -0.94 -65.61
C LYS A 860 14.78 -0.66 -64.20
N PRO A 861 15.60 -0.07 -63.34
CA PRO A 861 15.14 0.22 -61.97
C PRO A 861 14.13 1.36 -61.93
N ALA A 862 13.63 1.67 -60.75
CA ALA A 862 12.66 2.75 -60.55
C ALA A 862 13.31 3.88 -59.76
N LYS A 863 13.17 5.11 -60.26
CA LYS A 863 13.65 6.27 -59.52
C LYS A 863 12.72 6.62 -58.36
N LYS A 864 11.43 6.29 -58.48
CA LYS A 864 10.45 6.50 -57.41
C LYS A 864 9.31 5.52 -57.59
N ILE A 865 8.64 5.21 -56.48
CA ILE A 865 7.45 4.35 -56.48
C ILE A 865 6.37 5.09 -55.71
N ILE A 866 5.58 5.89 -56.43
CA ILE A 866 4.50 6.65 -55.81
C ILE A 866 3.40 5.69 -55.40
N VAL A 867 3.05 5.69 -54.12
CA VAL A 867 2.11 4.74 -53.55
C VAL A 867 0.93 5.52 -52.97
N VAL A 868 -0.24 5.35 -53.58
CA VAL A 868 -1.50 5.85 -53.05
C VAL A 868 -2.21 4.66 -52.40
N PRO A 869 -2.23 4.55 -51.07
CA PRO A 869 -2.86 3.40 -50.43
C PRO A 869 -4.33 3.27 -50.81
N GLY A 870 -4.74 2.07 -51.18
CA GLY A 870 -6.12 1.79 -51.55
C GLY A 870 -6.53 2.25 -52.93
N ARG A 871 -5.69 3.01 -53.64
CA ARG A 871 -6.02 3.50 -54.97
C ARG A 871 -5.08 2.93 -56.03
N LEU A 872 -3.78 3.23 -55.96
CA LEU A 872 -2.85 2.78 -56.98
C LEU A 872 -1.43 2.87 -56.45
N VAL A 873 -0.53 2.15 -57.12
CA VAL A 873 0.91 2.29 -56.93
C VAL A 873 1.51 2.59 -58.28
N ASN A 874 2.21 3.71 -58.38
CA ASN A 874 2.82 4.16 -59.63
C ASN A 874 4.32 3.95 -59.54
N ILE A 875 4.86 3.11 -60.41
CA ILE A 875 6.29 2.82 -60.48
C ILE A 875 6.88 3.63 -61.63
N VAL A 876 7.79 4.53 -61.30
CA VAL A 876 8.45 5.34 -62.32
C VAL A 876 9.95 5.08 -62.30
C1 EDO B . -18.79 -17.63 -25.76
O1 EDO B . -20.03 -17.49 -25.03
C2 EDO B . -18.62 -16.46 -26.73
O2 EDO B . -18.48 -15.20 -26.05
N DCL C . -8.33 -1.98 9.28
CA DCL C . -7.55 -1.00 8.52
C DCL C . -8.55 -0.02 7.93
CB DCL C . -6.72 -1.67 7.43
CG DCL C . -5.61 -2.60 7.93
CD1 DCL C . -5.16 -3.51 6.79
CD2 DCL C . -4.43 -1.81 8.47
O DCL C . -7.91 1.06 7.29
PG ATP D . -9.43 7.48 7.77
O1G ATP D . -8.05 8.04 7.55
O2G ATP D . -10.07 7.95 9.09
O3G ATP D . -10.41 7.80 6.65
PB ATP D . -8.43 4.80 7.18
O1B ATP D . -8.16 5.16 5.77
O2B ATP D . -7.21 4.63 8.07
O3B ATP D . -9.37 5.89 7.88
PA ATP D . -10.78 3.05 6.86
O1A ATP D . -11.70 4.21 6.93
O2A ATP D . -11.20 1.81 7.67
O3A ATP D . -9.31 3.48 7.32
O5' ATP D . -10.64 2.54 5.33
C5' ATP D . -10.74 1.17 4.91
C4' ATP D . -10.28 1.06 3.47
O4' ATP D . -11.01 2.03 2.67
C3' ATP D . -8.80 1.34 3.23
O3' ATP D . -8.26 0.59 2.16
C2' ATP D . -8.80 2.83 2.87
O2' ATP D . -7.71 3.15 2.00
C1' ATP D . -10.10 2.96 2.09
N9 ATP D . -10.68 4.28 2.15
C8 ATP D . -11.00 5.00 3.28
N7 ATP D . -11.44 6.22 3.03
C5 ATP D . -11.41 6.30 1.65
C6 ATP D . -11.75 7.34 0.76
N6 ATP D . -12.18 8.54 1.14
N1 ATP D . -11.60 7.10 -0.57
C2 ATP D . -11.14 5.91 -0.96
N3 ATP D . -10.78 4.86 -0.21
C4 ATP D . -10.94 5.13 1.09
ZN ZN E . 6.57 -18.63 39.45
PG ATP F . 23.22 9.62 2.36
O1G ATP F . 22.56 9.17 1.10
O2G ATP F . 24.75 9.67 2.23
O3G ATP F . 22.75 11.00 2.83
PB ATP F . 21.55 7.95 4.12
O1B ATP F . 20.42 8.91 4.08
O2B ATP F . 21.34 6.64 3.37
O3B ATP F . 22.90 8.61 3.55
PA ATP F . 21.73 8.30 7.01
O1A ATP F . 21.08 7.38 7.99
O2A ATP F . 20.95 9.59 6.74
O3A ATP F . 21.96 7.59 5.62
O5' ATP F . 23.21 8.75 7.49
C5' ATP F . 23.97 9.71 6.73
C4' ATP F . 24.75 10.62 7.64
O4' ATP F . 24.00 10.88 8.84
C3' ATP F . 26.09 10.10 8.13
O3' ATP F . 27.11 10.29 7.16
C2' ATP F . 26.33 10.97 9.37
O2' ATP F . 26.99 12.18 9.04
C1' ATP F . 24.89 11.23 9.88
N9 ATP F . 24.54 10.49 11.09
C8 ATP F . 25.02 9.27 11.48
N7 ATP F . 24.59 8.88 12.65
C5 ATP F . 23.76 9.91 13.07
C6 ATP F . 23.03 10.12 14.25
N6 ATP F . 23.00 9.27 15.27
N1 ATP F . 22.32 11.27 14.35
C2 ATP F . 22.36 12.14 13.33
N3 ATP F . 23.02 12.05 12.17
C4 ATP F . 23.71 10.91 12.11
MG MG G . 8.51 -14.20 -9.34
#